data_7WD2
#
_entry.id   7WD2
#
_cell.length_a   102.279
_cell.length_b   138.886
_cell.length_c   122.720
_cell.angle_alpha   90.000
_cell.angle_beta   90.000
_cell.angle_gamma   90.000
#
_symmetry.space_group_name_H-M   'C 2 2 21'
#
loop_
_entity.id
_entity.type
_entity.pdbx_description
1 polymer 'Spike protein S1'
2 polymer 'Anti-RON nanobody'
3 branched 2-acetamido-2-deoxy-beta-D-glucopyranose-(1-4)-[alpha-L-fucopyranose-(1-6)]2-acetamido-2-deoxy-beta-D-glucopyranose
4 branched 2-acetamido-2-deoxy-beta-D-glucopyranose-(1-4)-2-acetamido-2-deoxy-beta-D-glucopyranose
5 branched alpha-L-fucopyranose-(1-6)-2-acetamido-2-deoxy-beta-D-glucopyranose
6 non-polymer 2-acetamido-2-deoxy-beta-D-glucopyranose
7 water water
#
loop_
_entity_poly.entity_id
_entity_poly.type
_entity_poly.pdbx_seq_one_letter_code
_entity_poly.pdbx_strand_id
1 'polypeptide(L)'
;TNLCPFGEVFNATRFASVYAWNRKRISNCVADYSVLYNSASFSTFKCYGVSPTKLNDLCFTNVYADSFVIRGDEVRQIAP
GQTGKIADYNYKLPDDFTGCVIAWNSNNLDSKVGGNYNYLYRLFRKSNLKPFERDISTEIYQAGSTPCNGVEGFNCYFPL
QSYGFQPTNGVGYQPYRVVVLSFELLHAPATVCGPKKS
;
A,B
2 'polypeptide(L)'
;QVQLQESGGGLVQPGGSLRLTCAPSGFTLDYYAIGWFRQAPGKEREGVSCISSNNSTYYADSVKGRFTISRDNAKNTVYL
QMNSLKPEDTAVYYCAAEPDYSGVYYYTCGWTDFGSWGQGTQVTVSSHH
;
C,D
#
# COMPACT_ATOMS: atom_id res chain seq x y z
N THR A 1 -6.54 -21.46 14.83
CA THR A 1 -5.29 -22.26 14.94
C THR A 1 -4.23 -21.69 14.00
N ASN A 2 -4.66 -21.05 12.90
CA ASN A 2 -3.73 -20.45 11.96
C ASN A 2 -2.96 -19.31 12.61
N LEU A 3 -1.67 -19.24 12.34
CA LEU A 3 -0.81 -18.16 12.82
C LEU A 3 -0.70 -17.08 11.75
N CYS A 4 -0.65 -15.83 12.18
CA CYS A 4 -0.60 -14.73 11.24
C CYS A 4 0.74 -14.73 10.49
N PRO A 5 0.72 -14.48 9.18
CA PRO A 5 1.94 -14.61 8.36
C PRO A 5 2.87 -13.41 8.50
N PHE A 6 3.32 -13.15 9.73
CA PHE A 6 4.27 -12.06 9.95
C PHE A 6 5.59 -12.30 9.24
N GLY A 7 5.98 -13.57 9.11
CA GLY A 7 7.28 -13.88 8.51
C GLY A 7 7.38 -13.42 7.06
N GLU A 8 6.32 -13.62 6.29
CA GLU A 8 6.34 -13.19 4.89
C GLU A 8 6.33 -11.67 4.75
N VAL A 9 6.02 -10.93 5.81
CA VAL A 9 6.07 -9.47 5.77
C VAL A 9 7.46 -9.03 6.22
N PHE A 10 7.85 -9.42 7.43
CA PHE A 10 9.10 -8.95 8.00
C PHE A 10 10.30 -9.53 7.28
N ASN A 11 10.23 -10.80 6.88
CA ASN A 11 11.36 -11.51 6.31
C ASN A 11 11.27 -11.65 4.79
N ALA A 12 10.56 -10.74 4.14
CA ALA A 12 10.48 -10.77 2.68
C ALA A 12 11.84 -10.49 2.07
N THR A 13 12.10 -11.11 0.91
CA THR A 13 13.38 -10.93 0.25
C THR A 13 13.55 -9.49 -0.24
N ARG A 14 12.55 -8.98 -0.95
CA ARG A 14 12.58 -7.63 -1.49
C ARG A 14 11.52 -6.77 -0.82
N PHE A 15 11.86 -5.50 -0.59
CA PHE A 15 10.96 -4.54 0.03
C PHE A 15 10.63 -3.43 -0.96
N ALA A 16 9.44 -2.85 -0.80
CA ALA A 16 8.97 -1.80 -1.69
C ALA A 16 9.69 -0.49 -1.41
N SER A 17 9.77 0.34 -2.44
CA SER A 17 10.14 1.75 -2.24
C SER A 17 9.05 2.44 -1.43
N VAL A 18 9.45 3.45 -0.66
CA VAL A 18 8.51 4.10 0.25
C VAL A 18 7.38 4.79 -0.51
N TYR A 19 7.69 5.38 -1.67
CA TYR A 19 6.65 6.05 -2.44
C TYR A 19 5.62 5.05 -2.95
N ALA A 20 6.03 3.81 -3.20
CA ALA A 20 5.10 2.78 -3.62
C ALA A 20 4.98 1.73 -2.53
N TRP A 21 4.73 2.18 -1.29
CA TRP A 21 4.78 1.28 -0.14
C TRP A 21 3.78 0.14 -0.29
N ASN A 22 4.15 -1.00 0.27
CA ASN A 22 3.39 -2.24 0.15
C ASN A 22 2.47 -2.40 1.35
N ARG A 23 1.24 -2.87 1.10
CA ARG A 23 0.27 -3.14 2.15
C ARG A 23 -0.21 -4.58 2.06
N LYS A 24 -0.17 -5.29 3.18
CA LYS A 24 -0.74 -6.63 3.30
C LYS A 24 -1.81 -6.62 4.38
N ARG A 25 -3.00 -7.07 4.03
CA ARG A 25 -4.08 -7.18 5.01
C ARG A 25 -3.96 -8.51 5.74
N ILE A 26 -3.99 -8.46 7.06
CA ILE A 26 -3.83 -9.63 7.91
C ILE A 26 -5.15 -9.89 8.62
N SER A 27 -5.72 -11.08 8.41
CA SER A 27 -7.04 -11.39 8.93
C SER A 27 -7.13 -12.89 9.16
N ASN A 28 -8.09 -13.28 10.02
CA ASN A 28 -8.43 -14.67 10.29
C ASN A 28 -7.19 -15.49 10.65
N CYS A 29 -6.52 -15.06 11.71
CA CYS A 29 -5.32 -15.72 12.17
C CYS A 29 -5.05 -15.34 13.62
N VAL A 30 -4.16 -16.10 14.25
CA VAL A 30 -3.74 -15.83 15.62
C VAL A 30 -2.45 -15.03 15.57
N ALA A 31 -2.45 -13.88 16.24
CA ALA A 31 -1.34 -12.94 16.17
C ALA A 31 -0.32 -13.30 17.24
N ASP A 32 0.68 -14.08 16.87
CA ASP A 32 1.77 -14.46 17.78
C ASP A 32 2.86 -13.40 17.69
N TYR A 33 2.82 -12.43 18.60
CA TYR A 33 3.77 -11.34 18.60
C TYR A 33 5.12 -11.71 19.21
N SER A 34 5.29 -12.98 19.63
CA SER A 34 6.54 -13.38 20.25
C SER A 34 7.70 -13.28 19.27
N VAL A 35 7.47 -13.65 18.00
CA VAL A 35 8.53 -13.54 17.01
C VAL A 35 8.96 -12.10 16.81
N LEU A 36 8.02 -11.15 16.98
CA LEU A 36 8.39 -9.74 16.93
C LEU A 36 9.13 -9.32 18.20
N TYR A 37 8.74 -9.88 19.34
CA TYR A 37 9.43 -9.57 20.59
C TYR A 37 10.88 -10.02 20.53
N ASN A 38 11.12 -11.24 20.05
CA ASN A 38 12.41 -11.89 20.19
C ASN A 38 13.39 -11.54 19.08
N SER A 39 13.01 -10.69 18.13
CA SER A 39 13.94 -10.21 17.11
C SER A 39 14.77 -9.09 17.73
N ALA A 40 16.01 -9.40 18.09
CA ALA A 40 16.91 -8.44 18.71
C ALA A 40 17.53 -7.46 17.72
N SER A 41 17.07 -7.46 16.47
CA SER A 41 17.60 -6.58 15.45
C SER A 41 16.82 -5.28 15.33
N PHE A 42 15.68 -5.16 15.99
CA PHE A 42 14.82 -3.99 15.82
C PHE A 42 15.43 -2.76 16.49
N SER A 43 15.70 -1.74 15.70
CA SER A 43 16.09 -0.45 16.25
C SER A 43 14.89 0.29 16.80
N THR A 44 13.74 0.18 16.14
CA THR A 44 12.50 0.82 16.55
C THR A 44 11.40 -0.22 16.68
N PHE A 45 10.69 -0.19 17.80
CA PHE A 45 9.52 -1.06 18.02
C PHE A 45 8.68 -0.34 19.07
N LYS A 46 7.69 0.42 18.59
CA LYS A 46 6.85 1.26 19.44
C LYS A 46 5.43 1.21 18.92
N CYS A 47 4.48 1.45 19.82
CA CYS A 47 3.06 1.44 19.48
C CYS A 47 2.39 2.70 19.99
N TYR A 48 1.26 3.04 19.36
CA TYR A 48 0.49 4.22 19.69
C TYR A 48 -0.95 3.82 19.97
N GLY A 49 -1.51 4.34 21.06
CA GLY A 49 -2.85 3.98 21.46
C GLY A 49 -3.00 2.61 22.08
N VAL A 50 -1.91 1.89 22.29
CA VAL A 50 -1.95 0.54 22.84
C VAL A 50 -0.54 0.17 23.29
N SER A 51 -0.46 -0.56 24.40
CA SER A 51 0.83 -1.01 24.89
C SER A 51 1.30 -2.23 24.11
N PRO A 52 2.56 -2.30 23.69
CA PRO A 52 3.03 -3.48 22.94
C PRO A 52 3.03 -4.76 23.76
N THR A 53 2.93 -4.67 25.08
CA THR A 53 2.86 -5.87 25.91
C THR A 53 1.48 -6.50 25.85
N LYS A 54 0.43 -5.69 25.66
CA LYS A 54 -0.95 -6.17 25.67
C LYS A 54 -1.44 -6.58 24.29
N LEU A 55 -0.54 -6.84 23.34
CA LEU A 55 -0.95 -7.20 21.99
C LEU A 55 -1.48 -8.63 21.93
N ASN A 56 -0.89 -9.53 22.71
CA ASN A 56 -1.36 -10.90 22.75
C ASN A 56 -2.72 -11.04 23.45
N ASP A 57 -3.25 -9.98 24.03
CA ASP A 57 -4.50 -10.02 24.76
C ASP A 57 -5.54 -9.09 24.14
N LEU A 58 -5.44 -8.84 22.84
CA LEU A 58 -6.36 -7.94 22.14
C LEU A 58 -6.82 -8.57 20.84
N CYS A 59 -7.94 -8.05 20.34
CA CYS A 59 -8.56 -8.54 19.11
C CYS A 59 -8.91 -7.36 18.21
N PHE A 60 -8.75 -7.57 16.90
CA PHE A 60 -9.02 -6.53 15.93
C PHE A 60 -9.73 -7.12 14.72
N THR A 61 -10.44 -6.25 14.00
CA THR A 61 -11.12 -6.70 12.78
C THR A 61 -10.14 -6.99 11.66
N ASN A 62 -9.12 -6.13 11.52
CA ASN A 62 -8.09 -6.31 10.51
C ASN A 62 -6.80 -5.66 11.00
N VAL A 63 -5.67 -6.23 10.57
CA VAL A 63 -4.35 -5.67 10.85
C VAL A 63 -3.68 -5.42 9.51
N TYR A 64 -3.35 -4.17 9.22
CA TYR A 64 -2.72 -3.79 7.96
C TYR A 64 -1.22 -3.67 8.18
N ALA A 65 -0.44 -4.46 7.44
CA ALA A 65 1.01 -4.44 7.49
C ALA A 65 1.53 -3.65 6.31
N ASP A 66 2.05 -2.46 6.56
CA ASP A 66 2.68 -1.63 5.55
C ASP A 66 4.18 -1.69 5.70
N SER A 67 4.89 -1.86 4.58
CA SER A 67 6.34 -2.02 4.62
C SER A 67 6.99 -1.25 3.48
N PHE A 68 8.19 -0.74 3.76
CA PHE A 68 8.95 0.08 2.82
C PHE A 68 10.37 0.23 3.36
N VAL A 69 11.21 0.93 2.59
CA VAL A 69 12.60 1.18 2.96
C VAL A 69 12.86 2.68 2.90
N ILE A 70 13.40 3.24 3.98
CA ILE A 70 13.80 4.64 4.06
C ILE A 70 15.17 4.70 4.72
N ARG A 71 15.68 5.92 4.89
CA ARG A 71 16.94 6.14 5.58
C ARG A 71 16.75 6.04 7.09
N GLY A 72 17.87 5.85 7.79
CA GLY A 72 17.80 5.73 9.24
C GLY A 72 17.23 6.97 9.90
N ASP A 73 17.77 8.14 9.57
CA ASP A 73 17.29 9.37 10.18
C ASP A 73 15.89 9.78 9.70
N GLU A 74 15.27 8.99 8.82
CA GLU A 74 13.90 9.25 8.40
C GLU A 74 12.88 8.37 9.12
N VAL A 75 13.34 7.36 9.85
CA VAL A 75 12.43 6.46 10.57
C VAL A 75 11.52 7.25 11.51
N ARG A 76 12.06 8.27 12.17
CA ARG A 76 11.27 9.07 13.11
C ARG A 76 10.09 9.74 12.43
N GLN A 77 10.13 9.92 11.11
CA GLN A 77 8.99 10.52 10.42
C GLN A 77 7.81 9.56 10.36
N ILE A 78 8.03 8.28 10.61
CA ILE A 78 6.95 7.29 10.60
C ILE A 78 6.30 7.28 11.99
N ALA A 79 5.59 8.35 12.31
CA ALA A 79 5.00 8.51 13.63
C ALA A 79 3.89 9.54 13.52
N PRO A 80 2.91 9.50 14.44
CA PRO A 80 1.82 10.48 14.39
C PRO A 80 2.32 11.90 14.51
N GLY A 81 1.79 12.77 13.65
CA GLY A 81 2.06 14.19 13.74
C GLY A 81 3.46 14.62 13.34
N GLN A 82 4.14 13.83 12.51
CA GLN A 82 5.49 14.16 12.08
C GLN A 82 5.49 14.73 10.67
N THR A 83 6.55 15.49 10.36
CA THR A 83 6.69 16.15 9.09
C THR A 83 8.07 15.85 8.50
N GLY A 84 8.21 16.13 7.21
CA GLY A 84 9.40 15.81 6.47
C GLY A 84 9.06 15.28 5.09
N LYS A 85 10.07 15.05 4.25
CA LYS A 85 9.80 14.61 2.88
C LYS A 85 9.09 13.27 2.86
N ILE A 86 9.42 12.37 3.78
CA ILE A 86 8.79 11.06 3.78
C ILE A 86 7.34 11.15 4.25
N ALA A 87 7.10 11.87 5.35
CA ALA A 87 5.74 11.98 5.87
C ALA A 87 4.86 12.83 4.97
N ASP A 88 5.42 13.87 4.35
CA ASP A 88 4.61 14.77 3.54
C ASP A 88 4.29 14.18 2.16
N TYR A 89 5.24 13.46 1.56
CA TYR A 89 5.12 13.07 0.16
C TYR A 89 5.12 11.56 -0.08
N ASN A 90 5.31 10.73 0.94
CA ASN A 90 5.49 9.31 0.70
C ASN A 90 4.58 8.43 1.56
N TYR A 91 4.73 8.48 2.88
CA TYR A 91 3.89 7.69 3.78
C TYR A 91 3.49 8.54 4.97
N LYS A 92 2.19 8.72 5.17
CA LYS A 92 1.66 9.59 6.20
C LYS A 92 0.79 8.80 7.16
N LEU A 93 1.15 8.81 8.45
CA LEU A 93 0.30 8.23 9.48
C LEU A 93 -0.68 9.28 10.00
N PRO A 94 -1.86 8.87 10.45
CA PRO A 94 -2.82 9.83 10.99
C PRO A 94 -2.43 10.28 12.39
N ASP A 95 -2.97 11.44 12.78
CA ASP A 95 -2.74 11.92 14.13
C ASP A 95 -3.40 11.03 15.18
N ASP A 96 -4.45 10.30 14.80
CA ASP A 96 -5.17 9.39 15.69
C ASP A 96 -4.67 7.95 15.56
N PHE A 97 -3.41 7.78 15.14
CA PHE A 97 -2.93 6.45 14.76
C PHE A 97 -2.98 5.48 15.92
N THR A 98 -3.51 4.29 15.66
CA THR A 98 -3.49 3.18 16.60
C THR A 98 -2.79 2.02 15.91
N GLY A 99 -1.62 1.65 16.41
CA GLY A 99 -0.82 0.61 15.80
C GLY A 99 0.63 0.71 16.26
N CYS A 100 1.47 -0.04 15.57
CA CYS A 100 2.88 -0.15 15.95
C CYS A 100 3.79 0.11 14.76
N VAL A 101 4.96 0.66 15.05
CA VAL A 101 5.98 0.97 14.06
C VAL A 101 7.23 0.18 14.41
N ILE A 102 7.75 -0.57 13.46
CA ILE A 102 8.92 -1.41 13.65
C ILE A 102 9.91 -1.13 12.52
N ALA A 103 11.18 -0.95 12.87
CA ALA A 103 12.21 -0.64 11.90
C ALA A 103 13.51 -1.25 12.35
N TRP A 104 14.26 -1.81 11.40
CA TRP A 104 15.56 -2.38 11.69
C TRP A 104 16.53 -2.04 10.56
N ASN A 105 17.82 -1.99 10.90
CA ASN A 105 18.85 -1.67 9.91
C ASN A 105 18.91 -2.77 8.86
N SER A 106 18.99 -2.37 7.59
CA SER A 106 19.02 -3.33 6.50
C SER A 106 20.17 -3.04 5.54
N ASN A 107 21.29 -2.52 6.06
CA ASN A 107 22.45 -2.26 5.23
C ASN A 107 22.97 -3.53 4.57
N ASN A 108 22.81 -4.68 5.23
CA ASN A 108 23.32 -5.95 4.73
C ASN A 108 22.49 -6.51 3.58
N LEU A 109 21.30 -5.97 3.33
CA LEU A 109 20.42 -6.44 2.26
C LEU A 109 20.23 -5.43 1.15
N ASP A 110 20.09 -4.14 1.49
CA ASP A 110 19.63 -3.14 0.54
C ASP A 110 20.73 -2.18 0.11
N SER A 111 21.98 -2.43 0.50
CA SER A 111 23.11 -1.64 0.03
C SER A 111 23.92 -2.42 -0.99
N LYS A 112 24.46 -1.69 -1.96
CA LYS A 112 25.33 -2.27 -2.97
C LYS A 112 26.58 -1.41 -3.09
N VAL A 113 27.71 -2.07 -3.30
CA VAL A 113 28.94 -1.36 -3.64
C VAL A 113 28.75 -0.70 -4.99
N GLY A 114 28.95 0.61 -5.05
CA GLY A 114 28.62 1.42 -6.21
C GLY A 114 27.23 2.02 -6.15
N GLY A 115 26.39 1.56 -5.25
CA GLY A 115 25.08 2.15 -5.01
C GLY A 115 23.96 1.22 -5.44
N ASN A 116 22.92 1.18 -4.63
CA ASN A 116 21.66 0.53 -4.99
C ASN A 116 20.66 1.64 -5.30
N TYR A 117 20.35 1.80 -6.57
CA TYR A 117 19.47 2.88 -7.03
C TYR A 117 18.04 2.40 -7.26
N ASN A 118 17.67 1.24 -6.70
CA ASN A 118 16.33 0.72 -6.88
C ASN A 118 15.32 1.30 -5.89
N TYR A 119 15.78 1.84 -4.77
CA TYR A 119 14.88 2.40 -3.78
C TYR A 119 14.71 3.91 -4.00
N LEU A 120 13.47 4.34 -4.16
CA LEU A 120 13.16 5.73 -4.49
C LEU A 120 12.27 6.34 -3.43
N TYR A 121 12.22 7.68 -3.45
CA TYR A 121 11.30 8.44 -2.63
C TYR A 121 10.77 9.61 -3.46
N ARG A 122 9.58 10.08 -3.11
CA ARG A 122 9.00 11.23 -3.79
C ARG A 122 9.54 12.52 -3.18
N LEU A 123 10.04 13.41 -4.03
CA LEU A 123 10.62 14.67 -3.58
C LEU A 123 9.68 15.86 -3.75
N PHE A 124 8.83 15.84 -4.78
CA PHE A 124 7.95 16.95 -5.09
C PHE A 124 6.50 16.48 -5.13
N ARG A 125 5.61 17.36 -4.68
CA ARG A 125 4.19 17.13 -4.78
C ARG A 125 3.46 18.44 -4.49
N LYS A 126 2.38 18.70 -5.22
CA LYS A 126 1.67 19.96 -5.05
C LYS A 126 0.93 20.04 -3.72
N SER A 127 0.65 18.91 -3.07
CA SER A 127 0.02 18.93 -1.77
C SER A 127 0.46 17.71 -0.99
N ASN A 128 0.38 17.80 0.33
CA ASN A 128 0.78 16.71 1.18
C ASN A 128 -0.18 15.54 1.05
N LEU A 129 0.31 14.35 1.40
CA LEU A 129 -0.49 13.15 1.36
C LEU A 129 -1.45 13.09 2.54
N LYS A 130 -2.68 12.66 2.27
CA LYS A 130 -3.58 12.28 3.34
C LYS A 130 -3.07 11.02 4.02
N PRO A 131 -3.50 10.76 5.25
CA PRO A 131 -3.06 9.54 5.94
C PRO A 131 -3.39 8.29 5.15
N PHE A 132 -2.39 7.40 5.03
CA PHE A 132 -2.50 6.11 4.35
C PHE A 132 -2.76 6.26 2.85
N GLU A 133 -2.52 7.44 2.29
CA GLU A 133 -2.64 7.65 0.86
C GLU A 133 -1.35 7.22 0.17
N ARG A 134 -1.49 6.73 -1.07
CA ARG A 134 -0.36 6.32 -1.89
C ARG A 134 -0.39 7.07 -3.21
N ASP A 135 0.77 7.60 -3.62
CA ASP A 135 0.94 8.26 -4.90
C ASP A 135 2.11 7.58 -5.62
N ILE A 136 1.81 6.93 -6.73
CA ILE A 136 2.82 6.26 -7.54
C ILE A 136 2.96 6.91 -8.91
N SER A 137 2.46 8.13 -9.05
CA SER A 137 2.54 8.83 -10.33
C SER A 137 3.99 9.16 -10.66
N THR A 138 4.25 9.32 -11.96
CA THR A 138 5.56 9.67 -12.47
C THR A 138 5.49 10.91 -13.36
N GLU A 139 4.70 11.88 -12.95
CA GLU A 139 4.44 13.07 -13.75
C GLU A 139 5.43 14.18 -13.43
N ILE A 140 5.80 14.94 -14.46
CA ILE A 140 6.76 16.04 -14.28
C ILE A 140 6.14 17.12 -13.41
N TYR A 141 6.92 17.59 -12.43
CA TYR A 141 6.45 18.58 -11.46
C TYR A 141 6.73 19.99 -11.96
N GLN A 142 5.69 20.81 -12.00
CA GLN A 142 5.80 22.20 -12.47
C GLN A 142 6.20 23.08 -11.29
N ALA A 143 7.49 23.41 -11.21
CA ALA A 143 8.00 24.24 -10.14
C ALA A 143 7.98 25.73 -10.47
N GLY A 144 7.65 26.09 -11.71
CA GLY A 144 7.60 27.49 -12.09
C GLY A 144 6.29 27.88 -12.73
N SER A 145 6.26 29.03 -13.38
CA SER A 145 5.04 29.49 -14.04
C SER A 145 4.82 28.82 -15.39
N THR A 146 5.89 28.52 -16.10
CA THR A 146 5.76 27.91 -17.42
C THR A 146 5.31 26.46 -17.29
N PRO A 147 4.28 26.04 -18.03
CA PRO A 147 3.89 24.62 -18.00
C PRO A 147 4.95 23.73 -18.62
N CYS A 148 5.00 22.48 -18.13
CA CYS A 148 6.07 21.56 -18.51
C CYS A 148 5.72 20.71 -19.72
N ASN A 149 4.45 20.32 -19.84
CA ASN A 149 3.99 19.42 -20.91
C ASN A 149 4.78 18.12 -20.92
N GLY A 150 5.12 17.62 -19.74
CA GLY A 150 5.83 16.36 -19.62
C GLY A 150 7.30 16.39 -19.98
N VAL A 151 7.89 17.58 -20.14
CA VAL A 151 9.29 17.71 -20.53
C VAL A 151 10.07 18.26 -19.34
N GLU A 152 11.08 17.51 -18.90
CA GLU A 152 11.95 17.97 -17.82
C GLU A 152 12.79 19.15 -18.29
N GLY A 153 12.93 20.15 -17.43
CA GLY A 153 13.71 21.33 -17.75
C GLY A 153 13.76 22.35 -16.63
N PHE A 154 13.88 23.63 -16.99
CA PHE A 154 13.86 24.70 -16.01
C PHE A 154 12.54 24.68 -15.24
N ASN A 155 12.64 24.53 -13.93
CA ASN A 155 11.47 24.46 -13.04
C ASN A 155 10.50 23.36 -13.48
N CYS A 156 11.03 22.30 -14.08
CA CYS A 156 10.27 21.12 -14.47
C CYS A 156 11.08 19.90 -14.07
N TYR A 157 10.69 19.27 -12.97
CA TYR A 157 11.51 18.25 -12.32
C TYR A 157 10.78 16.92 -12.25
N PHE A 158 11.54 15.85 -12.38
CA PHE A 158 11.03 14.51 -12.13
C PHE A 158 10.75 14.37 -10.63
N PRO A 159 9.58 13.86 -10.24
CA PRO A 159 9.20 13.91 -8.82
C PRO A 159 9.90 12.90 -7.93
N LEU A 160 10.53 11.87 -8.49
CA LEU A 160 11.17 10.84 -7.69
C LEU A 160 12.68 11.05 -7.65
N GLN A 161 13.29 10.67 -6.54
CA GLN A 161 14.74 10.65 -6.38
C GLN A 161 15.15 9.30 -5.81
N SER A 162 16.42 8.96 -6.03
CA SER A 162 16.95 7.67 -5.60
C SER A 162 17.84 7.84 -4.38
N TYR A 163 17.75 6.89 -3.45
CA TYR A 163 18.63 6.91 -2.28
C TYR A 163 20.07 6.59 -2.67
N GLY A 164 20.27 5.56 -3.50
CA GLY A 164 21.60 5.12 -3.86
C GLY A 164 22.39 4.55 -2.70
N PHE A 165 21.75 3.68 -1.92
CA PHE A 165 22.34 3.15 -0.71
C PHE A 165 23.67 2.44 -0.99
N GLN A 166 24.71 2.85 -0.28
CA GLN A 166 26.01 2.21 -0.26
C GLN A 166 26.31 1.70 1.13
N PRO A 167 27.07 0.60 1.26
CA PRO A 167 27.35 0.07 2.61
C PRO A 167 28.21 0.99 3.46
N THR A 168 29.00 1.87 2.86
CA THR A 168 29.92 2.71 3.61
C THR A 168 29.25 3.96 4.18
N ASN A 169 27.96 4.17 3.93
CA ASN A 169 27.27 5.33 4.50
C ASN A 169 27.22 5.22 6.02
N GLY A 170 27.14 6.39 6.67
CA GLY A 170 26.84 6.40 8.08
C GLY A 170 25.46 5.85 8.38
N VAL A 171 25.25 5.46 9.63
CA VAL A 171 24.00 4.79 10.01
C VAL A 171 22.80 5.67 9.73
N GLY A 172 22.96 7.00 9.80
CA GLY A 172 21.84 7.89 9.51
C GLY A 172 21.37 7.77 8.07
N TYR A 173 22.30 7.56 7.14
CA TYR A 173 22.00 7.47 5.71
C TYR A 173 21.89 6.03 5.22
N GLN A 174 21.99 5.05 6.12
CA GLN A 174 21.90 3.65 5.74
C GLN A 174 20.43 3.24 5.59
N PRO A 175 20.18 2.17 4.83
CA PRO A 175 18.78 1.75 4.63
C PRO A 175 18.21 1.09 5.87
N TYR A 176 16.92 1.33 6.10
CA TYR A 176 16.19 0.71 7.20
C TYR A 176 14.86 0.18 6.67
N ARG A 177 14.57 -1.08 6.96
CA ARG A 177 13.30 -1.68 6.58
C ARG A 177 12.28 -1.38 7.67
N VAL A 178 11.12 -0.89 7.25
CA VAL A 178 10.07 -0.44 8.16
C VAL A 178 8.82 -1.27 7.94
N VAL A 179 8.16 -1.63 9.03
CA VAL A 179 6.87 -2.32 8.98
C VAL A 179 5.92 -1.58 9.91
N VAL A 180 4.82 -1.07 9.36
CA VAL A 180 3.79 -0.38 10.13
C VAL A 180 2.59 -1.30 10.23
N LEU A 181 2.22 -1.65 11.47
CA LEU A 181 1.05 -2.46 11.74
C LEU A 181 -0.08 -1.55 12.21
N SER A 182 -1.17 -1.50 11.44
CA SER A 182 -2.34 -0.70 11.79
C SER A 182 -3.43 -1.59 12.35
N PHE A 183 -4.05 -1.14 13.44
CA PHE A 183 -5.05 -1.93 14.16
C PHE A 183 -6.43 -1.34 13.92
N GLU A 184 -7.28 -2.09 13.24
CA GLU A 184 -8.58 -1.63 12.82
C GLU A 184 -9.66 -2.32 13.65
N LEU A 185 -10.67 -1.54 14.06
CA LEU A 185 -11.86 -2.03 14.75
C LEU A 185 -13.09 -1.41 14.11
N LEU A 186 -13.44 -1.88 12.90
CA LEU A 186 -14.52 -1.28 12.14
C LEU A 186 -15.70 -2.25 12.10
N HIS A 187 -15.75 -3.17 11.14
CA HIS A 187 -16.88 -4.07 10.95
C HIS A 187 -16.59 -5.39 11.65
N ALA A 188 -17.43 -5.75 12.60
CA ALA A 188 -17.33 -7.01 13.30
C ALA A 188 -17.59 -8.16 12.32
N PRO A 189 -17.10 -9.37 12.62
CA PRO A 189 -16.39 -9.82 13.82
C PRO A 189 -14.91 -9.45 13.85
N ALA A 190 -14.29 -9.56 15.01
CA ALA A 190 -12.84 -9.47 15.12
C ALA A 190 -12.22 -10.76 14.62
N THR A 191 -11.22 -10.63 13.74
CA THR A 191 -10.62 -11.80 13.10
C THR A 191 -9.18 -12.05 13.52
N VAL A 192 -8.49 -11.06 14.06
CA VAL A 192 -7.10 -11.20 14.48
C VAL A 192 -7.07 -11.05 16.00
N CYS A 193 -6.79 -12.15 16.69
CA CYS A 193 -6.69 -12.16 18.14
C CYS A 193 -5.35 -12.73 18.57
N GLY A 194 -4.86 -12.25 19.71
CA GLY A 194 -3.69 -12.84 20.34
C GLY A 194 -4.01 -14.21 20.88
N PRO A 195 -2.98 -15.03 21.23
CA PRO A 195 -3.22 -16.34 21.82
C PRO A 195 -3.83 -16.25 23.22
N LYS A 196 -3.78 -15.09 23.87
CA LYS A 196 -4.29 -14.95 25.26
C LYS A 196 -5.77 -14.56 25.22
N LYS A 197 -6.24 -13.98 24.13
CA LYS A 197 -7.71 -13.71 23.99
C LYS A 197 -8.29 -14.84 23.15
N SER A 198 -7.45 -15.84 22.83
CA SER A 198 -7.93 -17.02 22.07
C SER A 198 -7.63 -18.28 22.89
N THR B 1 -17.53 -24.31 -41.13
CA THR B 1 -16.46 -23.27 -41.14
C THR B 1 -15.56 -23.49 -39.92
N ASN B 2 -14.31 -23.03 -39.99
CA ASN B 2 -13.34 -23.17 -38.88
C ASN B 2 -13.77 -22.32 -37.68
N LEU B 3 -13.57 -22.85 -36.48
CA LEU B 3 -13.88 -22.05 -35.28
C LEU B 3 -12.70 -21.16 -34.96
N CYS B 4 -12.97 -20.00 -34.38
CA CYS B 4 -11.93 -19.06 -33.99
C CYS B 4 -11.08 -19.65 -32.88
N PRO B 5 -9.76 -19.58 -32.97
CA PRO B 5 -8.88 -20.20 -31.97
C PRO B 5 -8.84 -19.43 -30.64
N PHE B 6 -10.00 -19.37 -29.98
CA PHE B 6 -10.05 -18.70 -28.67
C PHE B 6 -9.29 -19.48 -27.61
N GLY B 7 -9.22 -20.80 -27.74
CA GLY B 7 -8.53 -21.59 -26.74
C GLY B 7 -7.03 -21.31 -26.71
N GLU B 8 -6.43 -21.09 -27.88
CA GLU B 8 -5.00 -20.77 -27.91
C GLU B 8 -4.69 -19.47 -27.20
N VAL B 9 -5.63 -18.53 -27.20
CA VAL B 9 -5.39 -17.24 -26.56
C VAL B 9 -5.64 -17.33 -25.06
N PHE B 10 -6.83 -17.79 -24.66
CA PHE B 10 -7.21 -17.78 -23.26
C PHE B 10 -6.46 -18.86 -22.47
N ASN B 11 -6.26 -20.02 -23.06
CA ASN B 11 -5.69 -21.17 -22.36
C ASN B 11 -4.23 -21.44 -22.74
N ALA B 12 -3.52 -20.42 -23.19
CA ALA B 12 -2.10 -20.59 -23.48
C ALA B 12 -1.33 -20.83 -22.19
N THR B 13 -0.34 -21.72 -22.25
CA THR B 13 0.42 -22.09 -21.06
C THR B 13 1.22 -20.90 -20.53
N ARG B 14 1.87 -20.16 -21.42
CA ARG B 14 2.68 -19.00 -21.04
C ARG B 14 2.03 -17.72 -21.55
N PHE B 15 2.14 -16.66 -20.76
CA PHE B 15 1.60 -15.36 -21.12
C PHE B 15 2.72 -14.34 -21.17
N ALA B 16 2.51 -13.29 -21.96
CA ALA B 16 3.51 -12.25 -22.12
C ALA B 16 3.50 -11.28 -20.95
N SER B 17 4.67 -10.70 -20.66
CA SER B 17 4.71 -9.53 -19.80
C SER B 17 3.97 -8.39 -20.46
N VAL B 18 3.39 -7.51 -19.64
CA VAL B 18 2.53 -6.46 -20.19
C VAL B 18 3.33 -5.51 -21.07
N TYR B 19 4.59 -5.23 -20.69
CA TYR B 19 5.40 -4.32 -21.48
C TYR B 19 5.67 -4.87 -22.88
N ALA B 20 5.76 -6.20 -23.00
CA ALA B 20 5.90 -6.85 -24.30
C ALA B 20 4.64 -7.64 -24.62
N TRP B 21 3.48 -6.99 -24.59
CA TRP B 21 2.22 -7.68 -24.71
C TRP B 21 2.11 -8.39 -26.07
N ASN B 22 1.35 -9.48 -26.07
CA ASN B 22 1.24 -10.37 -27.22
C ASN B 22 -0.07 -10.10 -27.95
N ARG B 23 0.00 -10.03 -29.28
CA ARG B 23 -1.17 -9.85 -30.12
C ARG B 23 -1.32 -11.04 -31.06
N LYS B 24 -2.54 -11.54 -31.19
CA LYS B 24 -2.88 -12.59 -32.15
C LYS B 24 -4.04 -12.11 -33.00
N ARG B 25 -3.86 -12.14 -34.33
CA ARG B 25 -4.94 -11.76 -35.23
C ARG B 25 -5.89 -12.92 -35.43
N ILE B 26 -7.19 -12.64 -35.36
CA ILE B 26 -8.25 -13.63 -35.47
C ILE B 26 -9.10 -13.25 -36.67
N SER B 27 -9.07 -14.08 -37.72
CA SER B 27 -9.76 -13.76 -38.96
C SER B 27 -10.30 -15.05 -39.58
N ASN B 28 -11.29 -14.87 -40.45
CA ASN B 28 -11.86 -15.95 -41.26
C ASN B 28 -12.32 -17.12 -40.38
N CYS B 29 -13.27 -16.82 -39.49
CA CYS B 29 -13.74 -17.82 -38.55
C CYS B 29 -15.05 -17.37 -37.93
N VAL B 30 -15.74 -18.33 -37.30
CA VAL B 30 -16.98 -18.10 -36.58
C VAL B 30 -16.67 -18.01 -35.10
N ALA B 31 -17.14 -16.95 -34.46
CA ALA B 31 -16.80 -16.65 -33.07
C ALA B 31 -17.93 -17.13 -32.16
N ASP B 32 -17.70 -18.24 -31.48
CA ASP B 32 -18.65 -18.78 -30.51
C ASP B 32 -18.26 -18.25 -29.13
N TYR B 33 -18.87 -17.14 -28.73
CA TYR B 33 -18.55 -16.51 -27.46
C TYR B 33 -19.12 -17.24 -26.25
N SER B 34 -19.76 -18.39 -26.45
CA SER B 34 -20.36 -19.10 -25.33
C SER B 34 -19.31 -19.67 -24.38
N VAL B 35 -18.15 -20.08 -24.90
CA VAL B 35 -17.09 -20.58 -24.03
C VAL B 35 -16.62 -19.50 -23.08
N LEU B 36 -16.69 -18.24 -23.49
CA LEU B 36 -16.42 -17.12 -22.59
C LEU B 36 -17.61 -16.81 -21.70
N TYR B 37 -18.83 -17.07 -22.19
CA TYR B 37 -20.02 -16.92 -21.36
C TYR B 37 -20.03 -17.93 -20.21
N ASN B 38 -19.39 -19.08 -20.39
CA ASN B 38 -19.44 -20.18 -19.43
C ASN B 38 -18.23 -20.23 -18.52
N SER B 39 -17.26 -19.34 -18.68
CA SER B 39 -16.08 -19.30 -17.81
C SER B 39 -16.44 -18.49 -16.58
N ALA B 40 -16.69 -19.18 -15.46
CA ALA B 40 -16.99 -18.51 -14.20
C ALA B 40 -15.74 -17.98 -13.50
N SER B 41 -14.56 -18.18 -14.09
CA SER B 41 -13.32 -17.73 -13.48
C SER B 41 -13.03 -16.26 -13.74
N PHE B 42 -13.81 -15.59 -14.58
CA PHE B 42 -13.49 -14.23 -15.02
C PHE B 42 -13.89 -13.22 -13.96
N SER B 43 -12.91 -12.44 -13.50
CA SER B 43 -13.19 -11.31 -12.61
C SER B 43 -13.70 -10.10 -13.38
N THR B 44 -13.20 -9.89 -14.60
CA THR B 44 -13.62 -8.79 -15.46
C THR B 44 -14.05 -9.35 -16.80
N PHE B 45 -15.21 -8.87 -17.28
CA PHE B 45 -15.71 -9.25 -18.61
C PHE B 45 -16.68 -8.13 -19.02
N LYS B 46 -16.12 -7.09 -19.63
CA LYS B 46 -16.86 -5.91 -20.03
C LYS B 46 -16.49 -5.53 -21.45
N CYS B 47 -17.44 -4.92 -22.15
CA CYS B 47 -17.23 -4.50 -23.52
C CYS B 47 -17.54 -3.01 -23.66
N TYR B 48 -16.97 -2.41 -24.70
CA TYR B 48 -17.16 -0.98 -24.98
C TYR B 48 -17.65 -0.80 -26.40
N GLY B 49 -18.68 0.02 -26.56
CA GLY B 49 -19.30 0.22 -27.86
C GLY B 49 -20.16 -0.93 -28.35
N VAL B 50 -20.31 -1.99 -27.56
CA VAL B 50 -21.10 -3.16 -27.96
C VAL B 50 -21.48 -3.91 -26.70
N SER B 51 -22.71 -4.45 -26.69
CA SER B 51 -23.15 -5.26 -25.56
C SER B 51 -22.60 -6.69 -25.71
N PRO B 52 -22.12 -7.28 -24.62
CA PRO B 52 -21.57 -8.64 -24.72
C PRO B 52 -22.60 -9.70 -25.09
N THR B 53 -23.90 -9.41 -24.92
CA THR B 53 -24.93 -10.38 -25.27
C THR B 53 -25.21 -10.40 -26.76
N LYS B 54 -25.02 -9.27 -27.45
CA LYS B 54 -25.27 -9.17 -28.88
C LYS B 54 -24.04 -9.51 -29.72
N LEU B 55 -23.03 -10.16 -29.13
CA LEU B 55 -21.80 -10.43 -29.86
C LEU B 55 -22.00 -11.50 -30.93
N ASN B 56 -22.77 -12.54 -30.62
CA ASN B 56 -22.99 -13.60 -31.59
C ASN B 56 -23.83 -13.16 -32.78
N ASP B 57 -24.38 -11.94 -32.76
CA ASP B 57 -25.20 -11.42 -33.84
C ASP B 57 -24.51 -10.27 -34.58
N LEU B 58 -23.19 -10.25 -34.58
CA LEU B 58 -22.43 -9.17 -35.19
C LEU B 58 -21.28 -9.74 -36.01
N CYS B 59 -20.85 -8.96 -37.00
CA CYS B 59 -19.74 -9.30 -37.87
C CYS B 59 -18.69 -8.20 -37.81
N PHE B 60 -17.43 -8.60 -37.95
CA PHE B 60 -16.32 -7.65 -37.90
C PHE B 60 -15.31 -7.99 -38.98
N THR B 61 -14.62 -6.96 -39.47
CA THR B 61 -13.56 -7.16 -40.45
C THR B 61 -12.44 -8.01 -39.87
N ASN B 62 -11.91 -7.61 -38.71
CA ASN B 62 -10.87 -8.36 -38.03
C ASN B 62 -11.07 -8.24 -36.52
N VAL B 63 -10.54 -9.22 -35.80
CA VAL B 63 -10.57 -9.22 -34.34
C VAL B 63 -9.14 -9.49 -33.86
N TYR B 64 -8.61 -8.58 -33.05
CA TYR B 64 -7.27 -8.72 -32.50
C TYR B 64 -7.37 -9.07 -31.01
N ALA B 65 -6.68 -10.13 -30.62
CA ALA B 65 -6.69 -10.61 -29.23
C ALA B 65 -5.33 -10.33 -28.61
N ASP B 66 -5.29 -9.37 -27.68
CA ASP B 66 -4.07 -9.03 -26.96
C ASP B 66 -4.12 -9.66 -25.56
N SER B 67 -2.98 -10.15 -25.10
CA SER B 67 -2.91 -10.87 -23.84
C SER B 67 -1.63 -10.52 -23.10
N PHE B 68 -1.72 -10.46 -21.78
CA PHE B 68 -0.59 -10.13 -20.91
C PHE B 68 -1.01 -10.43 -19.47
N VAL B 69 -0.08 -10.20 -18.54
CA VAL B 69 -0.30 -10.41 -17.12
C VAL B 69 0.06 -9.12 -16.38
N ILE B 70 -0.85 -8.67 -15.52
CA ILE B 70 -0.64 -7.49 -14.68
C ILE B 70 -1.10 -7.80 -13.26
N ARG B 71 -0.97 -6.82 -12.38
CA ARG B 71 -1.50 -6.92 -11.03
C ARG B 71 -3.02 -6.74 -11.03
N GLY B 72 -3.65 -7.24 -9.97
CA GLY B 72 -5.10 -7.14 -9.86
C GLY B 72 -5.59 -5.70 -9.82
N ASP B 73 -4.89 -4.84 -9.07
CA ASP B 73 -5.29 -3.44 -8.95
C ASP B 73 -4.95 -2.61 -10.18
N GLU B 74 -4.33 -3.21 -11.20
CA GLU B 74 -4.02 -2.52 -12.44
C GLU B 74 -4.94 -2.93 -13.59
N VAL B 75 -5.83 -3.91 -13.37
CA VAL B 75 -6.73 -4.36 -14.43
C VAL B 75 -7.66 -3.24 -14.86
N ARG B 76 -8.07 -2.38 -13.92
CA ARG B 76 -8.95 -1.26 -14.26
C ARG B 76 -8.31 -0.27 -15.23
N GLN B 77 -6.97 -0.25 -15.31
CA GLN B 77 -6.31 0.63 -16.27
C GLN B 77 -6.47 0.14 -17.70
N ILE B 78 -6.83 -1.13 -17.89
CA ILE B 78 -7.07 -1.67 -19.22
C ILE B 78 -8.48 -1.28 -19.66
N ALA B 79 -8.65 -0.02 -20.02
CA ALA B 79 -9.96 0.54 -20.35
C ALA B 79 -9.75 1.88 -21.05
N PRO B 80 -10.73 2.34 -21.83
CA PRO B 80 -10.54 3.60 -22.56
C PRO B 80 -10.40 4.79 -21.63
N GLY B 81 -9.49 5.69 -21.98
CA GLY B 81 -9.34 6.93 -21.26
C GLY B 81 -8.80 6.81 -19.85
N GLN B 82 -7.98 5.81 -19.58
CA GLN B 82 -7.41 5.60 -18.27
C GLN B 82 -5.94 6.01 -18.25
N THR B 83 -5.46 6.38 -17.07
CA THR B 83 -4.06 6.71 -16.86
C THR B 83 -3.48 5.83 -15.76
N GLY B 84 -2.17 5.90 -15.63
CA GLY B 84 -1.43 5.09 -14.67
C GLY B 84 -0.23 4.45 -15.32
N LYS B 85 0.55 3.74 -14.50
CA LYS B 85 1.78 3.11 -14.98
C LYS B 85 1.52 2.18 -16.15
N ILE B 86 0.43 1.42 -16.09
CA ILE B 86 0.14 0.44 -17.13
C ILE B 86 -0.42 1.12 -18.38
N ALA B 87 -1.43 1.97 -18.22
CA ALA B 87 -2.06 2.59 -19.38
C ALA B 87 -1.12 3.57 -20.08
N ASP B 88 -0.24 4.23 -19.32
CA ASP B 88 0.64 5.22 -19.93
C ASP B 88 1.89 4.58 -20.54
N TYR B 89 2.46 3.58 -19.89
CA TYR B 89 3.77 3.08 -20.24
C TYR B 89 3.79 1.65 -20.78
N ASN B 90 2.68 0.92 -20.72
CA ASN B 90 2.73 -0.50 -21.06
C ASN B 90 1.69 -0.88 -22.11
N TYR B 91 0.41 -0.63 -21.84
CA TYR B 91 -0.65 -1.01 -22.77
C TYR B 91 -1.73 0.06 -22.74
N LYS B 92 -2.02 0.63 -23.91
CA LYS B 92 -2.92 1.78 -24.02
C LYS B 92 -4.05 1.44 -24.99
N LEU B 93 -5.28 1.52 -24.49
CA LEU B 93 -6.45 1.40 -25.34
C LEU B 93 -6.90 2.79 -25.81
N PRO B 94 -7.45 2.89 -27.01
CA PRO B 94 -7.89 4.19 -27.50
C PRO B 94 -9.21 4.60 -26.86
N ASP B 95 -9.44 5.92 -26.85
CA ASP B 95 -10.70 6.44 -26.33
C ASP B 95 -11.89 6.02 -27.18
N ASP B 96 -11.64 5.59 -28.43
CA ASP B 96 -12.67 5.08 -29.34
C ASP B 96 -12.74 3.57 -29.34
N PHE B 97 -12.38 2.93 -28.22
CA PHE B 97 -12.21 1.47 -28.22
C PHE B 97 -13.52 0.75 -28.46
N THR B 98 -13.50 -0.23 -29.36
CA THR B 98 -14.62 -1.11 -29.61
C THR B 98 -14.14 -2.53 -29.42
N GLY B 99 -14.56 -3.17 -28.34
CA GLY B 99 -14.12 -4.51 -28.03
C GLY B 99 -14.44 -4.85 -26.59
N CYS B 100 -13.80 -5.90 -26.09
CA CYS B 100 -14.05 -6.40 -24.76
C CYS B 100 -12.75 -6.65 -24.01
N VAL B 101 -12.80 -6.47 -22.69
CA VAL B 101 -11.68 -6.71 -21.80
C VAL B 101 -12.05 -7.82 -20.84
N ILE B 102 -11.19 -8.84 -20.74
CA ILE B 102 -11.42 -9.99 -19.88
C ILE B 102 -10.19 -10.20 -19.01
N ALA B 103 -10.40 -10.54 -17.75
CA ALA B 103 -9.31 -10.76 -16.81
C ALA B 103 -9.75 -11.75 -15.75
N TRP B 104 -8.82 -12.63 -15.35
CA TRP B 104 -9.09 -13.63 -14.32
C TRP B 104 -7.85 -13.80 -13.47
N ASN B 105 -8.07 -14.18 -12.20
CA ASN B 105 -6.98 -14.37 -11.26
C ASN B 105 -6.12 -15.55 -11.69
N SER B 106 -4.80 -15.36 -11.64
CA SER B 106 -3.83 -16.35 -12.06
C SER B 106 -2.79 -16.59 -10.97
N ASN B 107 -3.24 -16.54 -9.71
CA ASN B 107 -2.31 -16.75 -8.59
C ASN B 107 -1.80 -18.18 -8.55
N ASN B 108 -2.60 -19.14 -9.05
CA ASN B 108 -2.19 -20.53 -8.99
C ASN B 108 -1.14 -20.89 -10.04
N LEU B 109 -1.02 -20.11 -11.10
CA LEU B 109 -0.09 -20.40 -12.18
C LEU B 109 1.09 -19.44 -12.25
N ASP B 110 0.89 -18.16 -11.98
CA ASP B 110 1.93 -17.16 -12.16
C ASP B 110 2.60 -16.75 -10.85
N SER B 111 2.25 -17.38 -9.73
CA SER B 111 2.93 -17.14 -8.47
C SER B 111 3.74 -18.37 -8.07
N LYS B 112 4.87 -18.13 -7.41
CA LYS B 112 5.71 -19.20 -6.91
C LYS B 112 6.11 -18.87 -5.48
N VAL B 113 6.30 -19.91 -4.67
CA VAL B 113 6.79 -19.72 -3.31
C VAL B 113 8.19 -19.11 -3.39
N GLY B 114 8.35 -17.94 -2.76
CA GLY B 114 9.55 -17.15 -2.91
C GLY B 114 9.43 -16.05 -3.96
N GLY B 115 8.40 -16.09 -4.80
CA GLY B 115 8.16 -15.04 -5.76
C GLY B 115 8.54 -15.37 -7.19
N ASN B 116 7.63 -15.11 -8.13
CA ASN B 116 7.91 -15.23 -9.54
C ASN B 116 8.20 -13.83 -10.08
N TYR B 117 9.46 -13.59 -10.47
CA TYR B 117 9.90 -12.29 -10.96
C TYR B 117 10.11 -12.28 -12.47
N ASN B 118 9.51 -13.23 -13.18
CA ASN B 118 9.70 -13.34 -14.63
C ASN B 118 8.72 -12.48 -15.41
N TYR B 119 7.68 -11.94 -14.78
CA TYR B 119 6.78 -10.99 -15.40
C TYR B 119 7.26 -9.57 -15.11
N LEU B 120 7.43 -8.77 -16.15
CA LEU B 120 8.00 -7.44 -16.04
C LEU B 120 7.01 -6.39 -16.51
N TYR B 121 7.25 -5.15 -16.09
CA TYR B 121 6.46 -4.00 -16.52
C TYR B 121 7.41 -2.83 -16.72
N ARG B 122 6.98 -1.88 -17.55
CA ARG B 122 7.77 -0.67 -17.76
C ARG B 122 7.43 0.35 -16.67
N LEU B 123 8.45 0.83 -15.99
CA LEU B 123 8.26 1.73 -14.85
C LEU B 123 8.36 3.20 -15.23
N PHE B 124 9.14 3.53 -16.27
CA PHE B 124 9.33 4.91 -16.68
C PHE B 124 9.27 5.00 -18.20
N ARG B 125 8.91 6.19 -18.69
CA ARG B 125 8.93 6.45 -20.12
C ARG B 125 8.88 7.96 -20.36
N LYS B 126 9.55 8.40 -21.43
CA LYS B 126 9.62 9.83 -21.74
C LYS B 126 8.30 10.39 -22.23
N SER B 127 7.41 9.54 -22.75
CA SER B 127 6.09 9.98 -23.18
C SER B 127 5.11 8.83 -23.00
N ASN B 128 3.83 9.18 -22.98
CA ASN B 128 2.79 8.15 -22.89
C ASN B 128 2.69 7.38 -24.20
N LEU B 129 2.37 6.09 -24.07
CA LEU B 129 2.15 5.26 -25.24
C LEU B 129 0.94 5.72 -26.02
N LYS B 130 1.06 5.70 -27.34
CA LYS B 130 -0.10 5.86 -28.20
C LYS B 130 -0.92 4.57 -28.20
N PRO B 131 -2.20 4.64 -28.56
CA PRO B 131 -3.04 3.43 -28.53
C PRO B 131 -2.42 2.28 -29.32
N PHE B 132 -2.33 1.12 -28.66
CA PHE B 132 -1.83 -0.12 -29.24
C PHE B 132 -0.36 -0.05 -29.61
N GLU B 133 0.39 0.92 -29.06
CA GLU B 133 1.82 0.97 -29.27
C GLU B 133 2.52 0.00 -28.32
N ARG B 134 3.67 -0.49 -28.75
CA ARG B 134 4.43 -1.49 -28.02
C ARG B 134 5.88 -1.04 -27.92
N ASP B 135 6.39 -0.94 -26.70
CA ASP B 135 7.75 -0.49 -26.43
C ASP B 135 8.48 -1.57 -25.62
N ILE B 136 9.50 -2.17 -26.22
CA ILE B 136 10.31 -3.19 -25.55
C ILE B 136 11.75 -2.74 -25.40
N SER B 137 12.00 -1.44 -25.49
CA SER B 137 13.35 -0.91 -25.32
C SER B 137 13.80 -1.06 -23.88
N THR B 138 15.13 -1.11 -23.71
CA THR B 138 15.77 -1.25 -22.40
C THR B 138 16.78 -0.15 -22.18
N GLU B 139 16.46 1.06 -22.64
CA GLU B 139 17.37 2.20 -22.52
C GLU B 139 17.24 2.85 -21.15
N ILE B 140 18.39 3.27 -20.60
CA ILE B 140 18.40 3.93 -19.30
C ILE B 140 17.58 5.21 -19.36
N TYR B 141 16.64 5.35 -18.43
CA TYR B 141 15.74 6.48 -18.42
C TYR B 141 16.42 7.69 -17.80
N GLN B 142 16.56 8.76 -18.59
CA GLN B 142 17.18 9.99 -18.12
C GLN B 142 16.13 10.81 -17.38
N ALA B 143 16.12 10.70 -16.06
CA ALA B 143 15.12 11.40 -15.26
C ALA B 143 15.42 12.89 -15.14
N GLY B 144 16.69 13.28 -15.18
CA GLY B 144 17.05 14.67 -14.96
C GLY B 144 17.77 15.33 -16.13
N SER B 145 18.47 16.43 -15.84
CA SER B 145 19.08 17.22 -16.91
C SER B 145 20.41 16.64 -17.36
N THR B 146 21.19 16.08 -16.44
CA THR B 146 22.50 15.52 -16.81
C THR B 146 22.29 14.21 -17.58
N PRO B 147 22.91 14.05 -18.75
CA PRO B 147 22.73 12.82 -19.51
C PRO B 147 23.33 11.61 -18.79
N CYS B 148 22.77 10.44 -19.09
CA CYS B 148 23.15 9.21 -18.40
C CYS B 148 24.27 8.44 -19.10
N ASN B 149 24.34 8.51 -20.42
CA ASN B 149 25.33 7.78 -21.22
C ASN B 149 25.27 6.28 -20.91
N GLY B 150 24.05 5.76 -20.74
CA GLY B 150 23.85 4.36 -20.48
C GLY B 150 24.26 3.88 -19.09
N VAL B 151 24.65 4.78 -18.20
CA VAL B 151 25.14 4.42 -16.87
C VAL B 151 24.00 4.57 -15.87
N GLU B 152 23.67 3.48 -15.18
CA GLU B 152 22.64 3.51 -14.16
C GLU B 152 23.13 4.24 -12.91
N GLY B 153 22.28 5.08 -12.34
CA GLY B 153 22.66 5.84 -11.17
C GLY B 153 21.59 6.84 -10.78
N PHE B 154 21.98 7.85 -10.02
CA PHE B 154 21.05 8.90 -9.62
C PHE B 154 20.39 9.51 -10.85
N ASN B 155 19.06 9.55 -10.84
CA ASN B 155 18.25 10.09 -11.94
C ASN B 155 18.51 9.37 -13.25
N CYS B 156 19.05 8.15 -13.19
CA CYS B 156 19.34 7.33 -14.37
C CYS B 156 18.95 5.90 -14.04
N TYR B 157 17.73 5.51 -14.42
CA TYR B 157 17.14 4.27 -13.94
C TYR B 157 16.86 3.32 -15.09
N PHE B 158 16.98 2.03 -14.81
CA PHE B 158 16.59 1.02 -15.79
C PHE B 158 15.08 1.06 -15.96
N PRO B 159 14.56 1.05 -17.19
CA PRO B 159 13.13 1.33 -17.39
C PRO B 159 12.21 0.20 -16.97
N LEU B 160 12.69 -1.03 -16.86
CA LEU B 160 11.85 -2.17 -16.54
C LEU B 160 12.03 -2.58 -15.09
N GLN B 161 10.94 -3.01 -14.46
CA GLN B 161 10.94 -3.49 -13.10
C GLN B 161 10.12 -4.78 -13.04
N SER B 162 10.48 -5.68 -12.13
CA SER B 162 9.88 -7.01 -12.07
C SER B 162 8.74 -7.04 -11.05
N TYR B 163 7.61 -7.63 -11.45
CA TYR B 163 6.55 -7.92 -10.51
C TYR B 163 7.05 -8.89 -9.45
N GLY B 164 6.62 -8.69 -8.21
CA GLY B 164 6.88 -9.65 -7.16
C GLY B 164 5.66 -10.48 -6.85
N PHE B 165 5.42 -11.53 -7.63
CA PHE B 165 4.21 -12.34 -7.51
C PHE B 165 4.45 -13.47 -6.54
N GLN B 166 3.88 -13.36 -5.34
CA GLN B 166 3.94 -14.38 -4.31
C GLN B 166 2.53 -14.81 -3.93
N PRO B 167 2.32 -16.10 -3.64
CA PRO B 167 0.96 -16.58 -3.36
C PRO B 167 0.31 -15.96 -2.13
N THR B 168 1.10 -15.44 -1.19
CA THR B 168 0.57 -14.83 0.02
C THR B 168 0.21 -13.37 -0.14
N ASN B 169 0.35 -12.81 -1.34
CA ASN B 169 -0.03 -11.42 -1.55
C ASN B 169 -1.55 -11.27 -1.55
N GLY B 170 -2.02 -10.07 -1.21
CA GLY B 170 -3.41 -9.75 -1.40
C GLY B 170 -3.81 -9.80 -2.87
N VAL B 171 -5.12 -9.91 -3.10
CA VAL B 171 -5.61 -10.08 -4.47
C VAL B 171 -5.21 -8.90 -5.35
N GLY B 172 -5.05 -7.71 -4.77
CA GLY B 172 -4.61 -6.57 -5.56
C GLY B 172 -3.20 -6.73 -6.09
N TYR B 173 -2.35 -7.45 -5.37
CA TYR B 173 -0.98 -7.70 -5.79
C TYR B 173 -0.82 -9.05 -6.48
N GLN B 174 -1.89 -9.84 -6.60
CA GLN B 174 -1.80 -11.13 -7.24
C GLN B 174 -1.82 -10.98 -8.76
N PRO B 175 -1.21 -11.93 -9.48
CA PRO B 175 -1.18 -11.84 -10.93
C PRO B 175 -2.55 -12.12 -11.54
N TYR B 176 -2.85 -11.41 -12.62
CA TYR B 176 -4.10 -11.57 -13.36
C TYR B 176 -3.79 -11.66 -14.84
N ARG B 177 -4.31 -12.69 -15.49
CA ARG B 177 -4.19 -12.82 -16.94
C ARG B 177 -5.29 -12.01 -17.60
N VAL B 178 -4.91 -11.20 -18.59
CA VAL B 178 -5.81 -10.28 -19.26
C VAL B 178 -5.85 -10.62 -20.75
N VAL B 179 -7.04 -10.56 -21.33
CA VAL B 179 -7.23 -10.76 -22.76
C VAL B 179 -8.09 -9.62 -23.30
N VAL B 180 -7.56 -8.86 -24.24
CA VAL B 180 -8.26 -7.73 -24.86
C VAL B 180 -8.65 -8.14 -26.27
N LEU B 181 -9.95 -8.26 -26.51
CA LEU B 181 -10.49 -8.52 -27.85
C LEU B 181 -10.84 -7.17 -28.48
N SER B 182 -10.12 -6.79 -29.52
CA SER B 182 -10.39 -5.54 -30.23
C SER B 182 -11.16 -5.83 -31.51
N PHE B 183 -12.28 -5.15 -31.70
CA PHE B 183 -13.17 -5.38 -32.83
C PHE B 183 -12.94 -4.31 -33.89
N GLU B 184 -12.52 -4.73 -35.08
CA GLU B 184 -12.23 -3.84 -36.19
C GLU B 184 -13.33 -3.97 -37.24
N LEU B 185 -14.06 -2.89 -37.46
CA LEU B 185 -15.06 -2.83 -38.53
C LEU B 185 -14.62 -1.74 -39.49
N LEU B 186 -14.06 -2.15 -40.62
CA LEU B 186 -13.64 -1.24 -41.68
C LEU B 186 -14.71 -1.22 -42.77
N HIS B 187 -14.40 -0.58 -43.89
CA HIS B 187 -15.23 -0.66 -45.08
C HIS B 187 -14.98 -1.93 -45.88
N ALA B 188 -14.14 -2.83 -45.37
CA ALA B 188 -13.76 -4.07 -46.00
C ALA B 188 -14.78 -5.16 -45.69
N PRO B 189 -14.81 -6.24 -46.47
CA PRO B 189 -15.73 -7.34 -46.16
C PRO B 189 -15.40 -7.97 -44.82
N ALA B 190 -16.45 -8.30 -44.06
CA ALA B 190 -16.27 -8.84 -42.73
C ALA B 190 -15.81 -10.29 -42.79
N THR B 191 -14.81 -10.63 -41.96
CA THR B 191 -14.25 -11.97 -41.95
C THR B 191 -14.52 -12.74 -40.67
N VAL B 192 -15.06 -12.08 -39.64
CA VAL B 192 -15.35 -12.72 -38.35
C VAL B 192 -16.79 -12.42 -38.00
N CYS B 193 -17.59 -13.47 -37.77
CA CYS B 193 -18.99 -13.34 -37.42
C CYS B 193 -19.34 -14.34 -36.33
N GLY B 194 -20.36 -14.00 -35.53
CA GLY B 194 -21.00 -14.96 -34.67
C GLY B 194 -21.75 -15.98 -35.50
N PRO B 195 -22.07 -17.18 -34.95
CA PRO B 195 -22.80 -18.21 -35.70
C PRO B 195 -24.25 -17.82 -36.03
N LYS B 196 -24.88 -17.00 -35.20
CA LYS B 196 -26.30 -16.65 -35.40
C LYS B 196 -26.45 -15.76 -36.64
N LYS B 197 -25.46 -14.89 -36.91
CA LYS B 197 -25.50 -14.02 -38.10
C LYS B 197 -24.44 -14.45 -39.12
N SER B 198 -23.88 -15.65 -38.96
CA SER B 198 -22.81 -16.15 -39.87
C SER B 198 -22.96 -15.50 -41.24
N GLN C 1 14.25 21.13 15.35
CA GLN C 1 15.26 20.66 16.29
C GLN C 1 15.18 21.47 17.59
N VAL C 2 15.72 20.93 18.68
CA VAL C 2 15.67 21.58 19.99
C VAL C 2 17.02 21.43 20.68
N GLN C 3 17.26 22.34 21.63
CA GLN C 3 18.55 22.39 22.38
C GLN C 3 18.45 21.60 23.68
N LEU C 4 19.39 20.68 23.88
CA LEU C 4 19.38 19.80 25.04
C LEU C 4 20.72 19.88 25.76
N GLN C 5 20.67 19.98 27.09
CA GLN C 5 21.87 20.06 27.91
C GLN C 5 21.79 19.01 29.02
N GLU C 6 22.83 18.18 29.12
CA GLU C 6 22.92 17.14 30.14
C GLU C 6 23.76 17.61 31.32
N SER C 7 23.50 17.00 32.47
CA SER C 7 24.24 17.29 33.69
C SER C 7 24.20 16.06 34.59
N GLY C 8 25.03 16.09 35.63
CA GLY C 8 25.05 15.03 36.63
C GLY C 8 26.09 13.96 36.41
N GLY C 9 26.87 14.03 35.34
CA GLY C 9 27.93 13.07 35.12
C GLY C 9 29.08 13.26 36.10
N GLY C 10 29.98 12.30 36.10
CA GLY C 10 31.17 12.38 36.94
C GLY C 10 31.79 11.02 37.15
N LEU C 11 32.71 10.98 38.11
CA LEU C 11 33.44 9.77 38.48
C LEU C 11 32.94 9.29 39.84
N VAL C 12 32.67 7.99 39.95
CA VAL C 12 32.01 7.44 41.12
C VAL C 12 32.50 6.01 41.34
N GLN C 13 32.49 5.58 42.61
CA GLN C 13 32.89 4.23 42.95
C GLN C 13 31.82 3.23 42.54
N PRO C 14 32.21 2.01 42.17
CA PRO C 14 31.22 0.96 41.92
C PRO C 14 30.28 0.79 43.10
N GLY C 15 29.01 0.58 42.79
CA GLY C 15 27.96 0.58 43.79
C GLY C 15 27.40 1.95 44.10
N GLY C 16 28.14 3.01 43.79
CA GLY C 16 27.65 4.36 44.00
C GLY C 16 26.54 4.71 43.03
N SER C 17 26.04 5.94 43.17
CA SER C 17 24.91 6.40 42.40
C SER C 17 25.23 7.74 41.73
N LEU C 18 24.50 8.00 40.64
CA LEU C 18 24.52 9.28 39.96
C LEU C 18 23.11 9.60 39.48
N ARG C 19 22.87 10.88 39.21
CA ARG C 19 21.58 11.36 38.75
C ARG C 19 21.82 12.25 37.54
N LEU C 20 21.61 11.70 36.35
CA LEU C 20 21.72 12.49 35.13
C LEU C 20 20.49 13.36 34.95
N THR C 21 20.71 14.57 34.45
CA THR C 21 19.65 15.55 34.27
C THR C 21 19.69 16.04 32.83
N CYS C 22 18.53 16.07 32.17
CA CYS C 22 18.40 16.60 30.83
C CYS C 22 17.54 17.85 30.89
N ALA C 23 18.14 19.01 30.59
CA ALA C 23 17.45 20.27 30.66
C ALA C 23 17.19 20.80 29.26
N PRO C 24 15.95 21.00 28.87
CA PRO C 24 15.66 21.65 27.59
C PRO C 24 15.91 23.15 27.67
N SER C 25 16.20 23.75 26.52
CA SER C 25 16.41 25.18 26.42
C SER C 25 15.58 25.72 25.27
N GLY C 26 14.71 26.68 25.56
CA GLY C 26 13.90 27.32 24.54
C GLY C 26 12.59 26.63 24.23
N PHE C 27 12.15 25.69 25.06
CA PHE C 27 10.89 24.98 24.85
C PHE C 27 10.60 24.17 26.11
N THR C 28 9.42 23.55 26.12
CA THR C 28 9.00 22.70 27.23
C THR C 28 8.93 21.24 26.78
N LEU C 29 9.20 20.35 27.73
CA LEU C 29 9.20 18.91 27.48
C LEU C 29 7.82 18.30 27.56
N ASP C 30 6.76 19.09 27.45
CA ASP C 30 5.41 18.59 27.67
C ASP C 30 4.99 17.64 26.55
N TYR C 31 5.12 18.07 25.30
CA TYR C 31 4.78 17.23 24.16
C TYR C 31 5.90 16.27 23.79
N TYR C 32 7.04 16.30 24.48
CA TYR C 32 8.24 15.62 24.02
C TYR C 32 8.45 14.30 24.75
N ALA C 33 8.96 13.31 24.03
CA ALA C 33 9.51 12.10 24.62
C ALA C 33 11.01 12.29 24.81
N ILE C 34 11.54 11.73 25.89
CA ILE C 34 12.93 11.90 26.26
C ILE C 34 13.55 10.53 26.46
N GLY C 35 14.73 10.31 25.87
CA GLY C 35 15.45 9.08 26.03
C GLY C 35 16.90 9.32 26.43
N TRP C 36 17.48 8.33 27.08
CA TRP C 36 18.88 8.35 27.49
C TRP C 36 19.64 7.28 26.73
N PHE C 37 20.77 7.68 26.14
CA PHE C 37 21.61 6.79 25.36
C PHE C 37 23.04 6.91 25.84
N ARG C 38 23.82 5.84 25.66
CA ARG C 38 25.21 5.82 26.08
C ARG C 38 26.06 5.17 24.99
N GLN C 39 27.31 5.63 24.89
CA GLN C 39 28.28 5.05 23.97
C GLN C 39 29.57 4.83 24.73
N ALA C 40 29.93 3.56 24.95
CA ALA C 40 31.15 3.21 25.66
C ALA C 40 32.35 3.34 24.73
N PRO C 41 33.56 3.48 25.30
CA PRO C 41 34.76 3.52 24.46
C PRO C 41 34.91 2.25 23.63
N GLY C 42 35.09 2.43 22.32
CA GLY C 42 35.25 1.30 21.43
C GLY C 42 33.99 0.51 21.18
N LYS C 43 32.82 1.12 21.39
CA LYS C 43 31.55 0.43 21.17
C LYS C 43 30.57 1.39 20.49
N GLU C 44 29.40 0.86 20.17
CA GLU C 44 28.37 1.62 19.48
C GLU C 44 27.39 2.23 20.47
N ARG C 45 26.59 3.18 19.98
CA ARG C 45 25.63 3.89 20.82
C ARG C 45 24.43 2.99 21.12
N GLU C 46 24.09 2.89 22.40
CA GLU C 46 23.07 1.96 22.89
C GLU C 46 22.01 2.72 23.68
N GLY C 47 20.75 2.30 23.55
CA GLY C 47 19.66 2.91 24.31
C GLY C 47 19.64 2.39 25.74
N VAL C 48 19.49 3.30 26.69
CA VAL C 48 19.53 2.95 28.11
C VAL C 48 18.14 2.99 28.71
N SER C 49 17.50 4.15 28.62
CA SER C 49 16.18 4.31 29.19
C SER C 49 15.47 5.47 28.50
N CYS C 50 14.15 5.34 28.35
CA CYS C 50 13.34 6.33 27.66
C CYS C 50 12.03 6.50 28.39
N ILE C 51 11.45 7.70 28.25
CA ILE C 51 10.15 8.01 28.84
C ILE C 51 9.29 8.74 27.81
N SER C 52 8.04 8.32 27.70
CA SER C 52 7.10 8.90 26.76
C SER C 52 6.41 10.14 27.36
N SER C 53 5.69 10.86 26.51
CA SER C 53 4.87 11.96 27.00
C SER C 53 3.72 11.48 27.87
N ASN C 54 3.33 10.20 27.75
CA ASN C 54 2.32 9.61 28.61
C ASN C 54 2.93 8.95 29.85
N ASN C 55 4.21 9.17 30.11
CA ASN C 55 4.97 8.71 31.26
C ASN C 55 5.30 7.21 31.22
N SER C 56 4.91 6.48 30.18
CA SER C 56 5.35 5.10 30.06
C SER C 56 6.85 5.08 29.79
N THR C 57 7.50 3.98 30.18
CA THR C 57 8.95 3.92 30.21
C THR C 57 9.47 2.71 29.45
N TYR C 58 10.75 2.80 29.09
CA TYR C 58 11.54 1.68 28.58
C TYR C 58 12.83 1.61 29.36
N TYR C 59 13.25 0.39 29.70
CA TYR C 59 14.52 0.15 30.38
C TYR C 59 15.23 -0.99 29.69
N ALA C 60 16.48 -0.76 29.31
CA ALA C 60 17.31 -1.85 28.81
C ALA C 60 17.46 -2.91 29.89
N ASP C 61 17.73 -4.15 29.45
CA ASP C 61 17.82 -5.26 30.38
C ASP C 61 18.98 -5.08 31.35
N SER C 62 20.11 -4.56 30.87
CA SER C 62 21.30 -4.45 31.71
C SER C 62 21.17 -3.40 32.80
N VAL C 63 20.17 -2.53 32.74
CA VAL C 63 19.99 -1.47 33.73
C VAL C 63 18.64 -1.58 34.43
N LYS C 64 17.90 -2.67 34.18
CA LYS C 64 16.48 -2.70 34.53
C LYS C 64 16.25 -2.56 36.04
N GLY C 65 17.07 -3.24 36.84
CA GLY C 65 16.89 -3.15 38.27
C GLY C 65 17.59 -2.00 38.96
N ARG C 66 18.36 -1.22 38.23
CA ARG C 66 19.24 -0.24 38.84
C ARG C 66 18.93 1.21 38.45
N PHE C 67 18.44 1.46 37.25
CA PHE C 67 18.17 2.82 36.78
C PHE C 67 16.67 3.12 36.86
N THR C 68 16.35 4.39 37.09
CA THR C 68 14.97 4.85 37.12
C THR C 68 14.90 6.20 36.43
N ILE C 69 14.07 6.28 35.38
CA ILE C 69 13.86 7.51 34.63
C ILE C 69 12.57 8.16 35.10
N SER C 70 12.59 9.48 35.25
CA SER C 70 11.44 10.21 35.75
C SER C 70 11.31 11.54 35.00
N ARG C 71 10.09 12.07 35.00
CA ARG C 71 9.77 13.29 34.28
C ARG C 71 9.15 14.30 35.23
N ASP C 72 9.55 15.57 35.09
CA ASP C 72 8.97 16.68 35.85
C ASP C 72 8.74 17.83 34.87
N ASN C 73 7.56 17.86 34.25
CA ASN C 73 7.26 18.89 33.27
C ASN C 73 7.11 20.27 33.90
N ALA C 74 6.76 20.33 35.19
CA ALA C 74 6.67 21.62 35.86
C ALA C 74 8.03 22.29 35.97
N LYS C 75 9.05 21.52 36.35
CA LYS C 75 10.42 22.02 36.41
C LYS C 75 11.15 21.89 35.08
N ASN C 76 10.50 21.36 34.05
CA ASN C 76 11.07 21.20 32.71
C ASN C 76 12.40 20.45 32.78
N THR C 77 12.33 19.21 33.26
CA THR C 77 13.52 18.43 33.50
C THR C 77 13.15 16.95 33.46
N VAL C 78 14.05 16.14 32.90
CA VAL C 78 13.96 14.68 32.95
C VAL C 78 15.20 14.16 33.66
N TYR C 79 15.00 13.25 34.61
CA TYR C 79 16.08 12.71 35.42
C TYR C 79 16.32 11.24 35.07
N LEU C 80 17.57 10.81 35.26
CA LEU C 80 17.91 9.37 35.16
C LEU C 80 18.66 9.02 36.44
N GLN C 81 17.97 8.47 37.44
CA GLN C 81 18.65 8.02 38.67
C GLN C 81 19.39 6.73 38.33
N MET C 82 20.65 6.65 38.71
CA MET C 82 21.47 5.48 38.35
C MET C 82 22.08 4.90 39.63
N ASN C 83 21.46 3.87 40.19
CA ASN C 83 21.95 3.23 41.40
C ASN C 83 22.77 1.99 41.06
N SER C 84 23.60 1.57 42.02
CA SER C 84 24.37 0.33 41.90
C SER C 84 25.20 0.32 40.63
N LEU C 85 25.95 1.41 40.42
CA LEU C 85 26.70 1.57 39.19
C LEU C 85 27.83 0.56 39.10
N LYS C 86 28.09 0.09 37.89
CA LYS C 86 29.10 -0.90 37.57
C LYS C 86 30.09 -0.34 36.56
N PRO C 87 31.28 -0.93 36.44
CA PRO C 87 32.26 -0.41 35.46
C PRO C 87 31.78 -0.45 34.03
N GLU C 88 30.94 -1.43 33.67
CA GLU C 88 30.42 -1.51 32.31
C GLU C 88 29.52 -0.33 31.97
N ASP C 89 29.03 0.40 32.97
CA ASP C 89 28.22 1.59 32.75
C ASP C 89 29.05 2.81 32.37
N THR C 90 30.37 2.70 32.36
CA THR C 90 31.22 3.80 31.95
C THR C 90 31.03 4.09 30.46
N ALA C 91 30.59 5.30 30.15
CA ALA C 91 30.29 5.71 28.79
C ALA C 91 29.96 7.19 28.79
N VAL C 92 29.85 7.76 27.59
CA VAL C 92 29.30 9.10 27.41
C VAL C 92 27.78 8.96 27.27
N TYR C 93 27.04 9.68 28.11
CA TYR C 93 25.59 9.58 28.14
C TYR C 93 24.97 10.77 27.43
N TYR C 94 24.10 10.48 26.47
CA TYR C 94 23.44 11.50 25.66
C TYR C 94 21.95 11.55 25.97
N CYS C 95 21.42 12.76 26.03
CA CYS C 95 19.97 12.96 26.09
C CYS C 95 19.43 13.14 24.67
N ALA C 96 18.19 12.69 24.47
CA ALA C 96 17.54 12.82 23.17
C ALA C 96 16.09 13.19 23.38
N ALA C 97 15.56 13.98 22.44
CA ALA C 97 14.19 14.47 22.50
C ALA C 97 13.52 14.27 21.15
N GLU C 98 12.20 14.07 21.20
CA GLU C 98 11.38 13.88 20.02
C GLU C 98 9.95 14.29 20.34
N PRO C 99 9.29 15.07 19.49
CA PRO C 99 7.89 15.38 19.72
C PRO C 99 7.04 14.13 19.79
N ASP C 100 6.17 14.07 20.79
CA ASP C 100 5.33 12.91 21.05
C ASP C 100 3.95 13.42 21.47
N TYR C 101 3.19 13.92 20.51
CA TYR C 101 1.90 14.55 20.81
C TYR C 101 0.88 13.50 21.26
N SER C 102 0.72 12.44 20.48
CA SER C 102 0.07 11.25 21.02
C SER C 102 0.99 10.58 22.04
N GLY C 103 0.46 9.60 22.75
CA GLY C 103 1.30 8.89 23.69
C GLY C 103 1.93 7.66 23.08
N VAL C 104 3.26 7.60 23.06
CA VAL C 104 3.96 6.43 22.52
C VAL C 104 4.17 5.41 23.64
N TYR C 105 4.15 4.15 23.27
CA TYR C 105 4.47 3.05 24.18
C TYR C 105 5.60 2.24 23.56
N TYR C 106 6.72 2.14 24.27
CA TYR C 106 7.90 1.47 23.75
C TYR C 106 7.88 -0.02 24.07
N TYR C 107 8.34 -0.83 23.12
CA TYR C 107 8.89 -2.13 23.43
C TYR C 107 10.42 -2.10 23.48
N THR C 108 11.04 -1.45 22.50
CA THR C 108 12.45 -1.05 22.56
C THR C 108 12.52 0.44 22.29
N CYS C 109 13.70 1.02 22.53
CA CYS C 109 13.93 2.44 22.32
C CYS C 109 15.31 2.60 21.68
N GLY C 110 15.34 3.07 20.43
CA GLY C 110 16.58 3.22 19.69
C GLY C 110 16.79 4.66 19.24
N TRP C 111 17.99 4.91 18.72
CA TRP C 111 18.31 6.26 18.24
C TRP C 111 17.42 6.69 17.09
N THR C 112 16.77 5.74 16.40
CA THR C 112 15.89 6.07 15.29
C THR C 112 14.59 6.72 15.74
N ASP C 113 14.34 6.83 17.05
CA ASP C 113 13.12 7.40 17.58
C ASP C 113 13.27 8.86 17.98
N PHE C 114 14.45 9.46 17.80
CA PHE C 114 14.70 10.82 18.27
C PHE C 114 15.41 11.63 17.19
N GLY C 115 15.06 12.90 17.09
CA GLY C 115 15.65 13.80 16.11
C GLY C 115 16.64 14.78 16.70
N SER C 116 16.47 15.14 17.97
CA SER C 116 17.35 16.07 18.66
C SER C 116 18.22 15.34 19.67
N TRP C 117 19.48 15.76 19.77
CA TRP C 117 20.45 15.09 20.61
C TRP C 117 21.27 16.10 21.37
N GLY C 118 21.66 15.74 22.60
CA GLY C 118 22.53 16.57 23.39
C GLY C 118 24.01 16.31 23.10
N GLN C 119 24.85 17.15 23.69
CA GLN C 119 26.30 16.99 23.49
C GLN C 119 26.85 15.83 24.30
N GLY C 120 26.22 15.48 25.40
CA GLY C 120 26.62 14.32 26.18
C GLY C 120 27.33 14.72 27.47
N THR C 121 27.36 13.78 28.41
CA THR C 121 28.09 13.94 29.65
C THR C 121 28.79 12.63 29.95
N GLN C 122 29.98 12.73 30.55
CA GLN C 122 30.82 11.57 30.78
C GLN C 122 30.49 10.93 32.12
N VAL C 123 30.31 9.61 32.10
CA VAL C 123 30.09 8.81 33.31
C VAL C 123 31.20 7.77 33.39
N THR C 124 31.91 7.76 34.51
CA THR C 124 33.03 6.86 34.72
C THR C 124 32.87 6.18 36.07
N VAL C 125 32.82 4.85 36.06
CA VAL C 125 32.69 4.05 37.31
C VAL C 125 33.96 3.23 37.48
N SER C 126 34.87 3.69 38.33
CA SER C 126 36.12 2.94 38.62
C SER C 126 36.44 3.04 40.11
N SER C 127 36.97 1.98 40.71
CA SER C 127 37.42 2.09 42.12
C SER C 127 38.85 2.61 42.10
N HIS C 128 39.50 2.53 40.94
CA HIS C 128 40.94 2.88 40.83
C HIS C 128 41.22 4.37 41.01
N HIS C 129 40.21 5.23 40.97
CA HIS C 129 40.52 6.65 41.25
C HIS C 129 41.25 6.78 42.60
N VAL D 2 -11.24 8.66 -5.41
CA VAL D 2 -12.26 9.69 -5.07
C VAL D 2 -12.96 9.22 -3.79
N GLN D 3 -13.48 10.14 -2.99
CA GLN D 3 -14.08 9.75 -1.69
C GLN D 3 -15.49 9.18 -1.85
N LEU D 4 -15.72 7.96 -1.32
CA LEU D 4 -17.05 7.34 -1.38
C LEU D 4 -17.47 6.97 0.05
N GLN D 5 -18.73 7.23 0.40
CA GLN D 5 -19.27 6.92 1.72
C GLN D 5 -20.56 6.14 1.55
N GLU D 6 -20.62 4.98 2.20
CA GLU D 6 -21.83 4.15 2.22
C GLU D 6 -22.65 4.45 3.46
N SER D 7 -23.96 4.22 3.35
CA SER D 7 -24.87 4.38 4.47
C SER D 7 -26.16 3.65 4.14
N GLY D 8 -26.89 3.28 5.19
CA GLY D 8 -28.16 2.59 5.03
C GLY D 8 -28.14 1.13 5.44
N GLY D 9 -27.02 0.61 5.92
CA GLY D 9 -26.98 -0.75 6.40
C GLY D 9 -27.66 -0.91 7.75
N GLY D 10 -27.96 -2.15 8.10
CA GLY D 10 -28.59 -2.41 9.38
C GLY D 10 -28.93 -3.87 9.55
N LEU D 11 -29.72 -4.14 10.58
CA LEU D 11 -30.10 -5.49 10.97
C LEU D 11 -31.60 -5.66 10.74
N VAL D 12 -31.98 -6.64 9.91
CA VAL D 12 -33.37 -6.92 9.61
C VAL D 12 -33.58 -8.43 9.59
N GLN D 13 -34.85 -8.82 9.63
CA GLN D 13 -35.25 -10.22 9.57
C GLN D 13 -35.46 -10.64 8.11
N PRO D 14 -35.38 -11.94 7.82
CA PRO D 14 -35.61 -12.39 6.44
C PRO D 14 -36.94 -11.89 5.89
N GLY D 15 -36.93 -11.51 4.61
CA GLY D 15 -38.07 -10.89 3.98
C GLY D 15 -38.09 -9.38 4.04
N GLY D 16 -37.38 -8.77 4.99
CA GLY D 16 -37.34 -7.33 5.12
C GLY D 16 -36.61 -6.66 3.96
N SER D 17 -36.52 -5.35 4.06
CA SER D 17 -35.90 -4.55 3.01
C SER D 17 -34.92 -3.54 3.61
N LEU D 18 -34.00 -3.09 2.77
CA LEU D 18 -33.06 -2.02 3.11
C LEU D 18 -32.72 -1.27 1.83
N ARG D 19 -32.15 -0.08 1.99
CA ARG D 19 -31.62 0.68 0.87
C ARG D 19 -30.27 1.24 1.25
N LEU D 20 -29.24 0.85 0.52
CA LEU D 20 -27.90 1.37 0.74
C LEU D 20 -27.67 2.58 -0.15
N THR D 21 -27.08 3.62 0.43
CA THR D 21 -26.81 4.86 -0.28
C THR D 21 -25.31 5.05 -0.42
N CYS D 22 -24.87 5.32 -1.65
CA CYS D 22 -23.48 5.65 -1.93
C CYS D 22 -23.39 7.15 -2.18
N ALA D 23 -22.67 7.85 -1.31
CA ALA D 23 -22.54 9.30 -1.41
C ALA D 23 -21.13 9.66 -1.88
N PRO D 24 -20.96 10.21 -3.08
CA PRO D 24 -19.66 10.74 -3.48
C PRO D 24 -19.35 12.03 -2.73
N SER D 25 -18.06 12.32 -2.64
CA SER D 25 -17.58 13.50 -1.92
C SER D 25 -16.60 14.25 -2.82
N GLY D 26 -16.98 15.46 -3.23
CA GLY D 26 -16.10 16.31 -4.00
C GLY D 26 -16.14 16.11 -5.50
N PHE D 27 -17.07 15.31 -6.02
CA PHE D 27 -17.18 15.10 -7.46
C PHE D 27 -18.60 14.63 -7.76
N THR D 28 -18.90 14.53 -9.05
CA THR D 28 -20.22 14.13 -9.53
C THR D 28 -20.15 12.77 -10.22
N LEU D 29 -21.23 12.02 -10.13
CA LEU D 29 -21.32 10.68 -10.67
C LEU D 29 -21.85 10.64 -12.10
N ASP D 30 -21.92 11.79 -12.77
CA ASP D 30 -22.50 11.83 -14.10
C ASP D 30 -21.76 10.91 -15.08
N TYR D 31 -20.43 10.98 -15.06
CA TYR D 31 -19.60 10.21 -15.99
C TYR D 31 -18.86 9.06 -15.30
N TYR D 32 -19.28 8.69 -14.09
CA TYR D 32 -18.67 7.60 -13.36
C TYR D 32 -19.54 6.35 -13.40
N ALA D 33 -18.90 5.20 -13.29
CA ALA D 33 -19.60 3.93 -13.09
C ALA D 33 -19.58 3.58 -11.61
N ILE D 34 -20.70 3.08 -11.11
CA ILE D 34 -20.85 2.76 -9.69
C ILE D 34 -21.17 1.28 -9.56
N GLY D 35 -20.48 0.61 -8.65
CA GLY D 35 -20.76 -0.78 -8.35
C GLY D 35 -21.00 -0.98 -6.88
N TRP D 36 -21.81 -1.99 -6.57
CA TRP D 36 -22.10 -2.39 -5.20
C TRP D 36 -21.53 -3.78 -4.98
N PHE D 37 -20.69 -3.92 -3.97
CA PHE D 37 -20.02 -5.18 -3.68
C PHE D 37 -20.28 -5.57 -2.24
N ARG D 38 -20.27 -6.87 -1.97
CA ARG D 38 -20.39 -7.39 -0.62
C ARG D 38 -19.28 -8.40 -0.37
N GLN D 39 -18.86 -8.48 0.89
CA GLN D 39 -17.79 -9.38 1.29
C GLN D 39 -18.19 -10.03 2.60
N ALA D 40 -18.46 -11.33 2.57
CA ALA D 40 -18.71 -12.08 3.79
C ALA D 40 -17.40 -12.32 4.53
N PRO D 41 -17.46 -12.54 5.84
CA PRO D 41 -16.23 -12.78 6.61
C PRO D 41 -15.49 -14.00 6.09
N GLY D 42 -14.20 -13.81 5.81
CA GLY D 42 -13.37 -14.88 5.27
C GLY D 42 -13.70 -15.28 3.85
N LYS D 43 -14.37 -14.41 3.10
CA LYS D 43 -14.79 -14.72 1.73
C LYS D 43 -14.27 -13.64 0.79
N GLU D 44 -14.43 -13.90 -0.51
CA GLU D 44 -14.00 -12.96 -1.54
C GLU D 44 -15.01 -11.83 -1.70
N ARG D 45 -14.53 -10.72 -2.23
CA ARG D 45 -15.39 -9.56 -2.49
C ARG D 45 -16.21 -9.83 -3.75
N GLU D 46 -17.52 -10.01 -3.57
CA GLU D 46 -18.40 -10.44 -4.64
C GLU D 46 -19.21 -9.27 -5.18
N GLY D 47 -19.32 -9.19 -6.50
CA GLY D 47 -20.12 -8.16 -7.13
C GLY D 47 -21.61 -8.43 -6.92
N VAL D 48 -22.34 -7.42 -6.46
CA VAL D 48 -23.77 -7.50 -6.28
C VAL D 48 -24.53 -6.88 -7.44
N SER D 49 -24.21 -5.63 -7.76
CA SER D 49 -24.87 -4.91 -8.82
C SER D 49 -24.03 -3.70 -9.21
N CYS D 50 -24.01 -3.39 -10.50
CA CYS D 50 -23.22 -2.27 -11.02
C CYS D 50 -24.05 -1.52 -12.05
N ILE D 51 -23.73 -0.24 -12.22
CA ILE D 51 -24.39 0.59 -13.22
C ILE D 51 -23.34 1.45 -13.91
N SER D 52 -23.42 1.51 -15.24
CA SER D 52 -22.48 2.26 -16.05
C SER D 52 -22.89 3.71 -16.16
N SER D 53 -22.07 4.51 -16.84
CA SER D 53 -22.46 5.87 -17.16
C SER D 53 -23.62 5.89 -18.16
N ASN D 54 -23.66 4.92 -19.07
CA ASN D 54 -24.77 4.80 -20.01
C ASN D 54 -25.99 4.09 -19.41
N ASN D 55 -26.00 3.89 -18.09
CA ASN D 55 -27.11 3.37 -17.30
C ASN D 55 -27.37 1.88 -17.52
N SER D 56 -26.56 1.19 -18.32
CA SER D 56 -26.66 -0.26 -18.39
C SER D 56 -26.20 -0.87 -17.07
N THR D 57 -26.74 -2.05 -16.75
CA THR D 57 -26.58 -2.60 -15.42
C THR D 57 -25.99 -4.01 -15.46
N TYR D 58 -25.54 -4.46 -14.30
CA TYR D 58 -25.22 -5.85 -14.02
C TYR D 58 -25.89 -6.25 -12.73
N TYR D 59 -26.34 -7.51 -12.66
CA TYR D 59 -26.93 -8.05 -11.45
C TYR D 59 -26.41 -9.46 -11.25
N ALA D 60 -25.91 -9.74 -10.04
CA ALA D 60 -25.56 -11.11 -9.69
C ALA D 60 -26.79 -11.99 -9.70
N ASP D 61 -26.59 -13.25 -10.09
CA ASP D 61 -27.73 -14.17 -10.20
C ASP D 61 -28.42 -14.38 -8.85
N SER D 62 -27.68 -14.32 -7.75
CA SER D 62 -28.26 -14.56 -6.44
C SER D 62 -29.19 -13.45 -6.00
N VAL D 63 -29.10 -12.27 -6.63
CA VAL D 63 -29.90 -11.11 -6.22
C VAL D 63 -30.84 -10.65 -7.32
N LYS D 64 -30.88 -11.32 -8.46
CA LYS D 64 -31.76 -10.90 -9.55
C LYS D 64 -33.22 -10.95 -9.10
N GLY D 65 -33.98 -9.91 -9.46
CA GLY D 65 -35.37 -9.80 -9.09
C GLY D 65 -35.61 -9.29 -7.68
N ARG D 66 -34.59 -9.21 -6.84
CA ARG D 66 -34.74 -8.74 -5.47
C ARG D 66 -34.05 -7.41 -5.20
N PHE D 67 -32.90 -7.17 -5.82
CA PHE D 67 -32.16 -5.93 -5.63
C PHE D 67 -32.31 -5.06 -6.87
N THR D 68 -32.25 -3.75 -6.66
CA THR D 68 -32.36 -2.79 -7.76
C THR D 68 -31.36 -1.67 -7.55
N ILE D 69 -30.51 -1.46 -8.54
CA ILE D 69 -29.55 -0.36 -8.51
C ILE D 69 -30.13 0.80 -9.31
N SER D 70 -29.86 2.01 -8.85
CA SER D 70 -30.44 3.19 -9.48
C SER D 70 -29.53 4.39 -9.26
N ARG D 71 -29.49 5.27 -10.26
CA ARG D 71 -28.65 6.44 -10.27
C ARG D 71 -29.51 7.70 -10.29
N ASP D 72 -29.24 8.60 -9.35
CA ASP D 72 -29.89 9.91 -9.30
C ASP D 72 -28.80 10.94 -9.54
N ASN D 73 -28.60 11.30 -10.82
CA ASN D 73 -27.56 12.28 -11.15
C ASN D 73 -27.90 13.66 -10.63
N ALA D 74 -29.20 13.96 -10.45
CA ALA D 74 -29.58 15.25 -9.88
C ALA D 74 -29.16 15.36 -8.42
N LYS D 75 -29.44 14.34 -7.62
CA LYS D 75 -29.08 14.33 -6.21
C LYS D 75 -27.68 13.79 -5.95
N ASN D 76 -26.97 13.39 -7.01
CA ASN D 76 -25.58 12.93 -6.91
C ASN D 76 -25.45 11.75 -5.94
N THR D 77 -26.29 10.74 -6.14
CA THR D 77 -26.26 9.54 -5.32
C THR D 77 -26.60 8.32 -6.16
N VAL D 78 -26.17 7.17 -5.69
CA VAL D 78 -26.55 5.87 -6.24
C VAL D 78 -27.09 5.02 -5.09
N TYR D 79 -28.20 4.34 -5.33
CA TYR D 79 -28.88 3.54 -4.32
C TYR D 79 -28.89 2.07 -4.75
N LEU D 80 -28.95 1.21 -3.74
CA LEU D 80 -29.17 -0.23 -4.01
C LEU D 80 -30.38 -0.60 -3.14
N GLN D 81 -31.56 -0.66 -3.73
CA GLN D 81 -32.74 -1.12 -2.97
C GLN D 81 -32.62 -2.63 -2.84
N MET D 82 -32.74 -3.13 -1.62
CA MET D 82 -32.62 -4.58 -1.36
C MET D 82 -33.92 -5.08 -0.75
N ASN D 83 -34.72 -5.81 -1.53
CA ASN D 83 -35.96 -6.39 -1.07
C ASN D 83 -35.81 -7.90 -0.89
N SER D 84 -36.70 -8.47 -0.09
CA SER D 84 -36.78 -9.92 0.13
C SER D 84 -35.41 -10.48 0.55
N LEU D 85 -34.89 -9.92 1.62
CA LEU D 85 -33.53 -10.24 2.05
C LEU D 85 -33.46 -11.64 2.65
N LYS D 86 -32.41 -12.37 2.29
CA LYS D 86 -32.14 -13.72 2.74
C LYS D 86 -30.96 -13.72 3.73
N PRO D 87 -30.83 -14.77 4.54
CA PRO D 87 -29.67 -14.83 5.45
C PRO D 87 -28.33 -14.84 4.74
N GLU D 88 -28.27 -15.37 3.52
CA GLU D 88 -27.03 -15.39 2.75
C GLU D 88 -26.64 -14.01 2.23
N ASP D 89 -27.52 -13.01 2.36
CA ASP D 89 -27.19 -11.64 2.00
C ASP D 89 -26.42 -10.92 3.10
N THR D 90 -26.17 -11.57 4.23
CA THR D 90 -25.42 -10.95 5.32
C THR D 90 -23.95 -10.81 4.93
N ALA D 91 -23.48 -9.56 4.83
CA ALA D 91 -22.10 -9.25 4.49
C ALA D 91 -21.85 -7.78 4.74
N VAL D 92 -20.60 -7.38 4.57
CA VAL D 92 -20.24 -5.97 4.52
C VAL D 92 -20.37 -5.51 3.08
N TYR D 93 -21.11 -4.43 2.86
CA TYR D 93 -21.41 -3.95 1.51
C TYR D 93 -20.59 -2.71 1.21
N TYR D 94 -19.81 -2.76 0.13
CA TYR D 94 -18.96 -1.67 -0.30
C TYR D 94 -19.52 -1.04 -1.57
N CYS D 95 -19.45 0.28 -1.64
CA CYS D 95 -19.67 1.01 -2.88
C CYS D 95 -18.35 1.21 -3.60
N ALA D 96 -18.43 1.34 -4.92
CA ALA D 96 -17.23 1.50 -5.73
C ALA D 96 -17.53 2.48 -6.87
N ALA D 97 -16.48 3.17 -7.31
CA ALA D 97 -16.60 4.15 -8.38
C ALA D 97 -15.39 4.06 -9.30
N GLU D 98 -15.62 4.36 -10.58
CA GLU D 98 -14.59 4.33 -11.60
C GLU D 98 -15.02 5.22 -12.76
N PRO D 99 -14.14 6.11 -13.24
CA PRO D 99 -14.50 6.93 -14.40
C PRO D 99 -14.83 6.07 -15.60
N ASP D 100 -15.90 6.46 -16.31
CA ASP D 100 -16.47 5.67 -17.40
C ASP D 100 -17.07 6.63 -18.42
N TYR D 101 -16.20 7.36 -19.14
CA TYR D 101 -16.68 8.39 -20.05
C TYR D 101 -17.26 7.79 -21.32
N SER D 102 -16.66 6.69 -21.82
CA SER D 102 -17.17 6.08 -23.04
C SER D 102 -18.46 5.33 -22.79
N GLY D 103 -18.66 4.82 -21.57
CA GLY D 103 -19.78 3.96 -21.29
C GLY D 103 -19.40 2.50 -21.43
N VAL D 104 -19.80 1.66 -20.47
CA VAL D 104 -19.38 0.27 -20.44
C VAL D 104 -20.63 -0.61 -20.41
N TYR D 105 -20.49 -1.82 -20.95
CA TYR D 105 -21.53 -2.85 -20.88
C TYR D 105 -20.92 -4.07 -20.21
N TYR D 106 -21.40 -4.37 -19.00
CA TYR D 106 -20.87 -5.49 -18.25
C TYR D 106 -21.49 -6.80 -18.73
N TYR D 107 -20.68 -7.85 -18.77
CA TYR D 107 -21.19 -9.21 -18.66
C TYR D 107 -21.11 -9.71 -17.22
N THR D 108 -19.96 -9.51 -16.57
CA THR D 108 -19.84 -9.63 -15.14
C THR D 108 -19.26 -8.33 -14.59
N CYS D 109 -19.35 -8.17 -13.27
CA CYS D 109 -18.81 -6.99 -12.60
C CYS D 109 -17.99 -7.45 -11.41
N GLY D 110 -16.69 -7.15 -11.44
CA GLY D 110 -15.78 -7.56 -10.39
C GLY D 110 -15.07 -6.36 -9.76
N TRP D 111 -14.41 -6.62 -8.63
CA TRP D 111 -13.70 -5.55 -7.94
C TRP D 111 -12.58 -4.99 -8.81
N THR D 112 -12.08 -5.77 -9.75
CA THR D 112 -11.05 -5.33 -10.68
C THR D 112 -11.52 -4.25 -11.64
N ASP D 113 -12.80 -3.88 -11.62
CA ASP D 113 -13.35 -2.84 -12.48
C ASP D 113 -13.41 -1.47 -11.83
N PHE D 114 -13.03 -1.37 -10.55
CA PHE D 114 -13.15 -0.11 -9.82
C PHE D 114 -11.88 0.15 -9.02
N GLY D 115 -11.53 1.43 -8.90
CA GLY D 115 -10.34 1.83 -8.18
C GLY D 115 -10.60 2.60 -6.91
N SER D 116 -11.79 3.19 -6.79
CA SER D 116 -12.18 3.94 -5.61
C SER D 116 -13.22 3.15 -4.81
N TRP D 117 -13.03 3.09 -3.50
CA TRP D 117 -13.88 2.31 -2.62
C TRP D 117 -14.20 3.09 -1.36
N GLY D 118 -15.38 2.81 -0.81
CA GLY D 118 -15.77 3.37 0.48
C GLY D 118 -15.38 2.45 1.62
N GLN D 119 -15.72 2.89 2.83
CA GLN D 119 -15.38 2.12 4.02
C GLN D 119 -16.31 0.93 4.25
N GLY D 120 -17.46 0.88 3.58
CA GLY D 120 -18.38 -0.22 3.72
C GLY D 120 -19.43 0.00 4.80
N THR D 121 -20.55 -0.68 4.65
CA THR D 121 -21.63 -0.63 5.62
C THR D 121 -22.16 -2.04 5.88
N GLN D 122 -22.44 -2.34 7.15
CA GLN D 122 -22.79 -3.69 7.56
C GLN D 122 -24.27 -3.97 7.31
N VAL D 123 -24.56 -5.13 6.71
CA VAL D 123 -25.91 -5.62 6.51
C VAL D 123 -26.00 -7.00 7.16
N THR D 124 -26.97 -7.18 8.04
CA THR D 124 -27.17 -8.44 8.75
C THR D 124 -28.63 -8.87 8.62
N VAL D 125 -28.86 -10.10 8.16
CA VAL D 125 -30.24 -10.62 7.98
C VAL D 125 -30.35 -11.91 8.79
N SER D 126 -31.00 -11.86 9.96
CA SER D 126 -31.13 -13.04 10.85
C SER D 126 -32.51 -13.09 11.50
N SER D 127 -33.04 -14.29 11.73
CA SER D 127 -34.32 -14.47 12.47
C SER D 127 -34.11 -14.07 13.92
N HIS D 128 -32.97 -14.45 14.50
CA HIS D 128 -32.67 -14.17 15.92
C HIS D 128 -32.12 -12.75 16.06
#